data_2LBI
# 
_entry.id   2LBI 
# 
_audit_conform.dict_name       mmcif_pdbx.dic 
_audit_conform.dict_version    5.392 
_audit_conform.dict_location   http://mmcif.pdb.org/dictionaries/ascii/mmcif_pdbx.dic 
# 
loop_
_database_2.database_id 
_database_2.database_code 
_database_2.pdbx_database_accession 
_database_2.pdbx_DOI 
PDB   2LBI         pdb_00002lbi 10.2210/pdb2lbi/pdb 
RCSB  RCSB102193   ?            ?                   
BMRB  17562        ?            10.13018/BMR17562   
WWPDB D_1000102193 ?            ?                   
# 
loop_
_pdbx_audit_revision_history.ordinal 
_pdbx_audit_revision_history.data_content_type 
_pdbx_audit_revision_history.major_revision 
_pdbx_audit_revision_history.minor_revision 
_pdbx_audit_revision_history.revision_date 
1 'Structure model' 1 0 2012-04-04 
2 'Structure model' 1 1 2023-06-14 
3 'Structure model' 1 2 2024-05-15 
# 
_pdbx_audit_revision_details.ordinal             1 
_pdbx_audit_revision_details.revision_ordinal    1 
_pdbx_audit_revision_details.data_content_type   'Structure model' 
_pdbx_audit_revision_details.provider            repository 
_pdbx_audit_revision_details.type                'Initial release' 
_pdbx_audit_revision_details.description         ? 
_pdbx_audit_revision_details.details             ? 
# 
loop_
_pdbx_audit_revision_group.ordinal 
_pdbx_audit_revision_group.revision_ordinal 
_pdbx_audit_revision_group.data_content_type 
_pdbx_audit_revision_group.group 
1 2 'Structure model' 'Data collection'      
2 2 'Structure model' 'Database references'  
3 2 'Structure model' 'Derived calculations' 
4 2 'Structure model' Other                  
5 3 'Structure model' 'Data collection'      
6 3 'Structure model' 'Database references'  
# 
loop_
_pdbx_audit_revision_category.ordinal 
_pdbx_audit_revision_category.revision_ordinal 
_pdbx_audit_revision_category.data_content_type 
_pdbx_audit_revision_category.category 
1 2 'Structure model' database_2            
2 2 'Structure model' pdbx_database_status  
3 2 'Structure model' pdbx_nmr_software     
4 2 'Structure model' pdbx_nmr_spectrometer 
5 2 'Structure model' struct_conn           
6 2 'Structure model' struct_site           
7 3 'Structure model' chem_comp_atom        
8 3 'Structure model' chem_comp_bond        
9 3 'Structure model' database_2            
# 
loop_
_pdbx_audit_revision_item.ordinal 
_pdbx_audit_revision_item.revision_ordinal 
_pdbx_audit_revision_item.data_content_type 
_pdbx_audit_revision_item.item 
1  2 'Structure model' '_database_2.pdbx_DOI'                       
2  2 'Structure model' '_database_2.pdbx_database_accession'        
3  2 'Structure model' '_pdbx_database_status.status_code_nmr_data' 
4  2 'Structure model' '_pdbx_nmr_software.name'                    
5  2 'Structure model' '_pdbx_nmr_spectrometer.model'               
6  2 'Structure model' '_struct_conn.pdbx_dist_value'               
7  2 'Structure model' '_struct_conn.pdbx_leaving_atom_flag'        
8  2 'Structure model' '_struct_conn.ptnr1_auth_asym_id'            
9  2 'Structure model' '_struct_conn.ptnr1_auth_seq_id'             
10 2 'Structure model' '_struct_conn.ptnr1_label_asym_id'           
11 2 'Structure model' '_struct_conn.ptnr2_label_atom_id'           
12 2 'Structure model' '_struct_site.pdbx_auth_asym_id'             
13 2 'Structure model' '_struct_site.pdbx_auth_comp_id'             
14 2 'Structure model' '_struct_site.pdbx_auth_seq_id'              
15 3 'Structure model' '_database_2.pdbx_DOI'                       
# 
_pdbx_database_status.deposit_site                    BMRB 
_pdbx_database_status.entry_id                        2LBI 
_pdbx_database_status.process_site                    RCSB 
_pdbx_database_status.recvd_initial_deposition_date   2011-03-31 
_pdbx_database_status.SG_entry                        ? 
_pdbx_database_status.status_code                     REL 
_pdbx_database_status.status_code_mr                  REL 
_pdbx_database_status.status_code_sf                  ? 
_pdbx_database_status.status_code_cs                  REL 
_pdbx_database_status.methods_development_category    ? 
_pdbx_database_status.pdb_format_compatible           Y 
_pdbx_database_status.status_code_nmr_data            REL 
# 
_pdbx_database_related.db_id          17562 
_pdbx_database_related.db_name        BMRB 
_pdbx_database_related.content_type   unspecified 
_pdbx_database_related.details        . 
# 
loop_
_audit_author.name 
_audit_author.pdbx_ordinal 
'Huang, H.'     1 
'Kozekov, I.D.' 2 
'Wang, H.'      3 
'Kozekova, A.'  4 
'Rizzo, C.J.'   5 
'Stone, M.P.'   6 
# 
_citation.id                        primary 
_citation.title                     
'Formation of a N2-dG:N2-dG carbinolamine DNA cross-link by the trans-4-hydroxynonenal-derived (6S,8R,11S) 1,N2-dG adduct.' 
_citation.journal_abbrev            J.Am.Chem.Soc. 
_citation.journal_volume            133 
_citation.page_first                16101 
_citation.page_last                 16110 
_citation.year                      2011 
_citation.journal_id_ASTM           JACSAT 
_citation.country                   US 
_citation.journal_id_ISSN           0002-7863 
_citation.journal_id_CSD            0004 
_citation.book_publisher            ? 
_citation.pdbx_database_id_PubMed   21916419 
_citation.pdbx_database_id_DOI      10.1021/ja205145q 
# 
loop_
_citation_author.citation_id 
_citation_author.name 
_citation_author.ordinal 
_citation_author.identifier_ORCID 
primary 'Huang, H.'    1 ? 
primary 'Wang, H.'     2 ? 
primary 'Kozekova, A.' 3 ? 
primary 'Rizzo, C.J.'  4 ? 
primary 'Stone, M.P.'  5 ? 
# 
loop_
_entity.id 
_entity.type 
_entity.src_method 
_entity.pdbx_description 
_entity.formula_weight 
_entity.pdbx_number_of_molecules 
_entity.pdbx_ec 
_entity.pdbx_mutation 
_entity.pdbx_fragment 
_entity.details 
1 polymer     syn 
;DNA (5'-D(*GP*CP*TP*AP*GP*CP*GP*AP*GP*TP*CP*C)-3')
;
3663.392 1 ? ? ? ? 
2 polymer     syn 
;DNA (5'-D(*GP*GP*AP*CP*TP*CP*GP*CP*TP*AP*GP*C)-3')
;
3663.392 1 ? ? ? ? 
3 non-polymer syn '(4S)-nonane-1,4-diol'                               160.254  1 ? ? ? ? 
# 
loop_
_entity_poly.entity_id 
_entity_poly.type 
_entity_poly.nstd_linkage 
_entity_poly.nstd_monomer 
_entity_poly.pdbx_seq_one_letter_code 
_entity_poly.pdbx_seq_one_letter_code_can 
_entity_poly.pdbx_strand_id 
_entity_poly.pdbx_target_identifier 
1 polydeoxyribonucleotide no no '(DG)(DC)(DT)(DA)(DG)(DC)(DG)(DA)(DG)(DT)(DC)(DC)' GCTAGCGAGTCC A ? 
2 polydeoxyribonucleotide no no '(DG)(DG)(DA)(DC)(DT)(DC)(DG)(DC)(DT)(DA)(DG)(DC)' GGACTCGCTAGC B ? 
# 
_pdbx_entity_nonpoly.entity_id   3 
_pdbx_entity_nonpoly.name        '(4S)-nonane-1,4-diol' 
_pdbx_entity_nonpoly.comp_id     HND 
# 
loop_
_entity_poly_seq.entity_id 
_entity_poly_seq.num 
_entity_poly_seq.mon_id 
_entity_poly_seq.hetero 
1 1  DG n 
1 2  DC n 
1 3  DT n 
1 4  DA n 
1 5  DG n 
1 6  DC n 
1 7  DG n 
1 8  DA n 
1 9  DG n 
1 10 DT n 
1 11 DC n 
1 12 DC n 
2 1  DG n 
2 2  DG n 
2 3  DA n 
2 4  DC n 
2 5  DT n 
2 6  DC n 
2 7  DG n 
2 8  DC n 
2 9  DT n 
2 10 DA n 
2 11 DG n 
2 12 DC n 
# 
loop_
_chem_comp.id 
_chem_comp.type 
_chem_comp.mon_nstd_flag 
_chem_comp.name 
_chem_comp.pdbx_synonyms 
_chem_comp.formula 
_chem_comp.formula_weight 
DA  'DNA linking' y "2'-DEOXYADENOSINE-5'-MONOPHOSPHATE" ? 'C10 H14 N5 O6 P' 331.222 
DC  'DNA linking' y "2'-DEOXYCYTIDINE-5'-MONOPHOSPHATE"  ? 'C9 H14 N3 O7 P'  307.197 
DG  'DNA linking' y "2'-DEOXYGUANOSINE-5'-MONOPHOSPHATE" ? 'C10 H14 N5 O7 P' 347.221 
DT  'DNA linking' y "THYMIDINE-5'-MONOPHOSPHATE"         ? 'C10 H15 N2 O8 P' 322.208 
HND non-polymer   . '(4S)-nonane-1,4-diol'               ? 'C9 H20 O2'       160.254 
# 
loop_
_pdbx_poly_seq_scheme.asym_id 
_pdbx_poly_seq_scheme.entity_id 
_pdbx_poly_seq_scheme.seq_id 
_pdbx_poly_seq_scheme.mon_id 
_pdbx_poly_seq_scheme.ndb_seq_num 
_pdbx_poly_seq_scheme.pdb_seq_num 
_pdbx_poly_seq_scheme.auth_seq_num 
_pdbx_poly_seq_scheme.pdb_mon_id 
_pdbx_poly_seq_scheme.auth_mon_id 
_pdbx_poly_seq_scheme.pdb_strand_id 
_pdbx_poly_seq_scheme.pdb_ins_code 
_pdbx_poly_seq_scheme.hetero 
A 1 1  DG 1  1  1  DG DG A . n 
A 1 2  DC 2  2  2  DC DC A . n 
A 1 3  DT 3  3  3  DT DT A . n 
A 1 4  DA 4  4  4  DA DA A . n 
A 1 5  DG 5  5  5  DG DG A . n 
A 1 6  DC 6  6  6  DC DC A . n 
A 1 7  DG 7  7  7  DG DG A . n 
A 1 8  DA 8  8  8  DA DA A . n 
A 1 9  DG 9  9  9  DG DG A . n 
A 1 10 DT 10 10 10 DT DT A . n 
A 1 11 DC 11 11 11 DC DC A . n 
A 1 12 DC 12 12 12 DC DC A . n 
B 2 1  DG 1  13 13 DG DG B . n 
B 2 2  DG 2  14 14 DG DG B . n 
B 2 3  DA 3  15 15 DA DA B . n 
B 2 4  DC 4  16 16 DC DC B . n 
B 2 5  DT 5  17 17 DT DT B . n 
B 2 6  DC 6  18 18 DC DC B . n 
B 2 7  DG 7  19 19 DG DG B . n 
B 2 8  DC 8  20 20 DC DC B . n 
B 2 9  DT 9  21 21 DT DT B . n 
B 2 10 DA 10 22 22 DA DA B . n 
B 2 11 DG 11 23 23 DG DG B . n 
B 2 12 DC 12 24 24 DC DC B . n 
# 
_pdbx_nonpoly_scheme.asym_id         C 
_pdbx_nonpoly_scheme.entity_id       3 
_pdbx_nonpoly_scheme.mon_id          HND 
_pdbx_nonpoly_scheme.ndb_seq_num     1 
_pdbx_nonpoly_scheme.pdb_seq_num     25 
_pdbx_nonpoly_scheme.auth_seq_num    25 
_pdbx_nonpoly_scheme.pdb_mon_id      HND 
_pdbx_nonpoly_scheme.auth_mon_id     HND 
_pdbx_nonpoly_scheme.pdb_strand_id   B 
_pdbx_nonpoly_scheme.pdb_ins_code    . 
# 
_exptl.absorpt_coefficient_mu     ? 
_exptl.absorpt_correction_T_max   ? 
_exptl.absorpt_correction_T_min   ? 
_exptl.absorpt_correction_type    ? 
_exptl.absorpt_process_details    ? 
_exptl.crystals_number            ? 
_exptl.details                    ? 
_exptl.entry_id                   2LBI 
_exptl.method                     'SOLUTION NMR' 
_exptl.method_details             ? 
# 
_struct.entry_id                  2LBI 
_struct.title                     'N2-dG:N2-dG interstrand cross-link induced by trans-4-hydroxynonenal' 
_struct.pdbx_model_details        'closest to the average, model 1' 
_struct.pdbx_CASP_flag            ? 
_struct.pdbx_model_type_details   ? 
# 
_struct_keywords.entry_id        2LBI 
_struct_keywords.pdbx_keywords   DNA 
_struct_keywords.text            'trans-4-hydroxynonenal, interstrand cross-link, DNA' 
# 
loop_
_struct_asym.id 
_struct_asym.pdbx_blank_PDB_chainid_flag 
_struct_asym.pdbx_modified 
_struct_asym.entity_id 
_struct_asym.details 
A N N 1 ? 
B N N 2 ? 
C N N 3 ? 
# 
loop_
_struct_ref.id 
_struct_ref.db_name 
_struct_ref.db_code 
_struct_ref.pdbx_db_accession 
_struct_ref.entity_id 
_struct_ref.pdbx_align_begin 
_struct_ref.pdbx_seq_one_letter_code 
_struct_ref.pdbx_db_isoform 
1 PDB 2LBI 2LBI 1 ? ? ? 
2 PDB 2LBI 2LBI 2 ? ? ? 
# 
loop_
_struct_ref_seq.align_id 
_struct_ref_seq.ref_id 
_struct_ref_seq.pdbx_PDB_id_code 
_struct_ref_seq.pdbx_strand_id 
_struct_ref_seq.seq_align_beg 
_struct_ref_seq.pdbx_seq_align_beg_ins_code 
_struct_ref_seq.seq_align_end 
_struct_ref_seq.pdbx_seq_align_end_ins_code 
_struct_ref_seq.pdbx_db_accession 
_struct_ref_seq.db_align_beg 
_struct_ref_seq.pdbx_db_align_beg_ins_code 
_struct_ref_seq.db_align_end 
_struct_ref_seq.pdbx_db_align_end_ins_code 
_struct_ref_seq.pdbx_auth_seq_align_beg 
_struct_ref_seq.pdbx_auth_seq_align_end 
1 1 2LBI A 1 ? 12 ? 2LBI 1  ? 12 ? 1  12 
2 2 2LBI B 1 ? 12 ? 2LBI 13 ? 24 ? 13 24 
# 
_pdbx_struct_assembly.id                   1 
_pdbx_struct_assembly.details              author_defined_assembly 
_pdbx_struct_assembly.method_details       ? 
_pdbx_struct_assembly.oligomeric_details   dimeric 
_pdbx_struct_assembly.oligomeric_count     2 
# 
_pdbx_struct_assembly_gen.assembly_id       1 
_pdbx_struct_assembly_gen.oper_expression   1 
_pdbx_struct_assembly_gen.asym_id_list      A,B,C 
# 
_pdbx_struct_oper_list.id                   1 
_pdbx_struct_oper_list.type                 'identity operation' 
_pdbx_struct_oper_list.name                 1_555 
_pdbx_struct_oper_list.symmetry_operation   x,y,z 
_pdbx_struct_oper_list.matrix[1][1]         1.0000000000 
_pdbx_struct_oper_list.matrix[1][2]         0.0000000000 
_pdbx_struct_oper_list.matrix[1][3]         0.0000000000 
_pdbx_struct_oper_list.vector[1]            0.0000000000 
_pdbx_struct_oper_list.matrix[2][1]         0.0000000000 
_pdbx_struct_oper_list.matrix[2][2]         1.0000000000 
_pdbx_struct_oper_list.matrix[2][3]         0.0000000000 
_pdbx_struct_oper_list.vector[2]            0.0000000000 
_pdbx_struct_oper_list.matrix[3][1]         0.0000000000 
_pdbx_struct_oper_list.matrix[3][2]         0.0000000000 
_pdbx_struct_oper_list.matrix[3][3]         1.0000000000 
_pdbx_struct_oper_list.vector[3]            0.0000000000 
# 
_struct_biol.id        1 
_struct_biol.details   ? 
# 
loop_
_struct_conn.id 
_struct_conn.conn_type_id 
_struct_conn.pdbx_leaving_atom_flag 
_struct_conn.pdbx_PDB_id 
_struct_conn.ptnr1_label_asym_id 
_struct_conn.ptnr1_label_comp_id 
_struct_conn.ptnr1_label_seq_id 
_struct_conn.ptnr1_label_atom_id 
_struct_conn.pdbx_ptnr1_label_alt_id 
_struct_conn.pdbx_ptnr1_PDB_ins_code 
_struct_conn.pdbx_ptnr1_standard_comp_id 
_struct_conn.ptnr1_symmetry 
_struct_conn.ptnr2_label_asym_id 
_struct_conn.ptnr2_label_comp_id 
_struct_conn.ptnr2_label_seq_id 
_struct_conn.ptnr2_label_atom_id 
_struct_conn.pdbx_ptnr2_label_alt_id 
_struct_conn.pdbx_ptnr2_PDB_ins_code 
_struct_conn.ptnr1_auth_asym_id 
_struct_conn.ptnr1_auth_comp_id 
_struct_conn.ptnr1_auth_seq_id 
_struct_conn.ptnr2_auth_asym_id 
_struct_conn.ptnr2_auth_comp_id 
_struct_conn.ptnr2_auth_seq_id 
_struct_conn.ptnr2_symmetry 
_struct_conn.pdbx_ptnr3_label_atom_id 
_struct_conn.pdbx_ptnr3_label_seq_id 
_struct_conn.pdbx_ptnr3_label_comp_id 
_struct_conn.pdbx_ptnr3_label_asym_id 
_struct_conn.pdbx_ptnr3_label_alt_id 
_struct_conn.pdbx_ptnr3_PDB_ins_code 
_struct_conn.details 
_struct_conn.pdbx_dist_value 
_struct_conn.pdbx_value_order 
_struct_conn.pdbx_role 
covale1  covale one ? A DG 7  N2 ? ? ? 1_555 C HND .  C3 ? ? A DG 7  B HND 25 1_555 ? ? ? ? ? ? ?            1.472 ? ? 
covale2  covale one ? B DG 7  N2 ? ? ? 1_555 C HND .  C1 ? ? B DG 19 B HND 25 1_555 ? ? ? ? ? ? ?            1.426 ? ? 
hydrog1  hydrog ?   ? A DG 1  N1 ? ? ? 1_555 B DC  12 N3 ? ? A DG 1  B DC  24 1_555 ? ? ? ? ? ? WATSON-CRICK ?     ? ? 
hydrog2  hydrog ?   ? A DG 1  N2 ? ? ? 1_555 B DC  12 O2 ? ? A DG 1  B DC  24 1_555 ? ? ? ? ? ? WATSON-CRICK ?     ? ? 
hydrog3  hydrog ?   ? A DG 1  O6 ? ? ? 1_555 B DC  12 N4 ? ? A DG 1  B DC  24 1_555 ? ? ? ? ? ? WATSON-CRICK ?     ? ? 
hydrog4  hydrog ?   ? A DC 2  N3 ? ? ? 1_555 B DG  11 N1 ? ? A DC 2  B DG  23 1_555 ? ? ? ? ? ? WATSON-CRICK ?     ? ? 
hydrog5  hydrog ?   ? A DC 2  N4 ? ? ? 1_555 B DG  11 O6 ? ? A DC 2  B DG  23 1_555 ? ? ? ? ? ? WATSON-CRICK ?     ? ? 
hydrog6  hydrog ?   ? A DC 2  O2 ? ? ? 1_555 B DG  11 N2 ? ? A DC 2  B DG  23 1_555 ? ? ? ? ? ? WATSON-CRICK ?     ? ? 
hydrog7  hydrog ?   ? A DT 3  N3 ? ? ? 1_555 B DA  10 N1 ? ? A DT 3  B DA  22 1_555 ? ? ? ? ? ? WATSON-CRICK ?     ? ? 
hydrog8  hydrog ?   ? A DT 3  O4 ? ? ? 1_555 B DA  10 N6 ? ? A DT 3  B DA  22 1_555 ? ? ? ? ? ? WATSON-CRICK ?     ? ? 
hydrog9  hydrog ?   ? A DA 4  N1 ? ? ? 1_555 B DT  9  N3 ? ? A DA 4  B DT  21 1_555 ? ? ? ? ? ? WATSON-CRICK ?     ? ? 
hydrog10 hydrog ?   ? A DA 4  N6 ? ? ? 1_555 B DT  9  O4 ? ? A DA 4  B DT  21 1_555 ? ? ? ? ? ? WATSON-CRICK ?     ? ? 
hydrog11 hydrog ?   ? A DG 5  N1 ? ? ? 1_555 B DC  8  N3 ? ? A DG 5  B DC  20 1_555 ? ? ? ? ? ? WATSON-CRICK ?     ? ? 
hydrog12 hydrog ?   ? A DG 5  N2 ? ? ? 1_555 B DC  8  O2 ? ? A DG 5  B DC  20 1_555 ? ? ? ? ? ? WATSON-CRICK ?     ? ? 
hydrog13 hydrog ?   ? A DG 5  O6 ? ? ? 1_555 B DC  8  N4 ? ? A DG 5  B DC  20 1_555 ? ? ? ? ? ? WATSON-CRICK ?     ? ? 
hydrog14 hydrog ?   ? A DC 6  N3 ? ? ? 1_555 B DG  7  N1 ? ? A DC 6  B DG  19 1_555 ? ? ? ? ? ? WATSON-CRICK ?     ? ? 
hydrog15 hydrog ?   ? A DC 6  N4 ? ? ? 1_555 B DG  7  O6 ? ? A DC 6  B DG  19 1_555 ? ? ? ? ? ? WATSON-CRICK ?     ? ? 
hydrog16 hydrog ?   ? A DC 6  O2 ? ? ? 1_555 B DG  7  N2 ? ? A DC 6  B DG  19 1_555 ? ? ? ? ? ? WATSON-CRICK ?     ? ? 
hydrog17 hydrog ?   ? A DG 7  N1 ? ? ? 1_555 B DC  6  N3 ? ? A DG 7  B DC  18 1_555 ? ? ? ? ? ? WATSON-CRICK ?     ? ? 
hydrog18 hydrog ?   ? A DG 7  N2 ? ? ? 1_555 B DC  6  O2 ? ? A DG 7  B DC  18 1_555 ? ? ? ? ? ? WATSON-CRICK ?     ? ? 
hydrog19 hydrog ?   ? A DG 7  O6 ? ? ? 1_555 B DC  6  N4 ? ? A DG 7  B DC  18 1_555 ? ? ? ? ? ? WATSON-CRICK ?     ? ? 
hydrog20 hydrog ?   ? A DA 8  N1 ? ? ? 1_555 B DT  5  N3 ? ? A DA 8  B DT  17 1_555 ? ? ? ? ? ? WATSON-CRICK ?     ? ? 
hydrog21 hydrog ?   ? A DA 8  N6 ? ? ? 1_555 B DT  5  O4 ? ? A DA 8  B DT  17 1_555 ? ? ? ? ? ? WATSON-CRICK ?     ? ? 
hydrog22 hydrog ?   ? A DG 9  N1 ? ? ? 1_555 B DC  4  N3 ? ? A DG 9  B DC  16 1_555 ? ? ? ? ? ? WATSON-CRICK ?     ? ? 
hydrog23 hydrog ?   ? A DG 9  N2 ? ? ? 1_555 B DC  4  O2 ? ? A DG 9  B DC  16 1_555 ? ? ? ? ? ? WATSON-CRICK ?     ? ? 
hydrog24 hydrog ?   ? A DG 9  O6 ? ? ? 1_555 B DC  4  N4 ? ? A DG 9  B DC  16 1_555 ? ? ? ? ? ? WATSON-CRICK ?     ? ? 
hydrog25 hydrog ?   ? A DT 10 N3 ? ? ? 1_555 B DA  3  N1 ? ? A DT 10 B DA  15 1_555 ? ? ? ? ? ? WATSON-CRICK ?     ? ? 
hydrog26 hydrog ?   ? A DT 10 O4 ? ? ? 1_555 B DA  3  N6 ? ? A DT 10 B DA  15 1_555 ? ? ? ? ? ? WATSON-CRICK ?     ? ? 
hydrog27 hydrog ?   ? A DC 11 N3 ? ? ? 1_555 B DG  2  N1 ? ? A DC 11 B DG  14 1_555 ? ? ? ? ? ? WATSON-CRICK ?     ? ? 
hydrog28 hydrog ?   ? A DC 11 N4 ? ? ? 1_555 B DG  2  O6 ? ? A DC 11 B DG  14 1_555 ? ? ? ? ? ? WATSON-CRICK ?     ? ? 
hydrog29 hydrog ?   ? A DC 11 O2 ? ? ? 1_555 B DG  2  N2 ? ? A DC 11 B DG  14 1_555 ? ? ? ? ? ? WATSON-CRICK ?     ? ? 
hydrog30 hydrog ?   ? A DC 12 N3 ? ? ? 1_555 B DG  1  N1 ? ? A DC 12 B DG  13 1_555 ? ? ? ? ? ? WATSON-CRICK ?     ? ? 
hydrog31 hydrog ?   ? A DC 12 N4 ? ? ? 1_555 B DG  1  O6 ? ? A DC 12 B DG  13 1_555 ? ? ? ? ? ? WATSON-CRICK ?     ? ? 
hydrog32 hydrog ?   ? A DC 12 O2 ? ? ? 1_555 B DG  1  N2 ? ? A DC 12 B DG  13 1_555 ? ? ? ? ? ? WATSON-CRICK ?     ? ? 
# 
loop_
_struct_conn_type.id 
_struct_conn_type.criteria 
_struct_conn_type.reference 
covale ? ? 
hydrog ? ? 
# 
_struct_site.id                   AC1 
_struct_site.pdbx_evidence_code   Software 
_struct_site.pdbx_auth_asym_id    B 
_struct_site.pdbx_auth_comp_id    HND 
_struct_site.pdbx_auth_seq_id     25 
_struct_site.pdbx_auth_ins_code   ? 
_struct_site.pdbx_num_residues    5 
_struct_site.details              'BINDING SITE FOR RESIDUE HND B 25' 
# 
loop_
_struct_site_gen.id 
_struct_site_gen.site_id 
_struct_site_gen.pdbx_num_res 
_struct_site_gen.label_comp_id 
_struct_site_gen.label_asym_id 
_struct_site_gen.label_seq_id 
_struct_site_gen.pdbx_auth_ins_code 
_struct_site_gen.auth_comp_id 
_struct_site_gen.auth_asym_id 
_struct_site_gen.auth_seq_id 
_struct_site_gen.label_atom_id 
_struct_site_gen.label_alt_id 
_struct_site_gen.symmetry 
_struct_site_gen.details 
1 AC1 5 DC A 6 ? DC A 6  . ? 1_555 ? 
2 AC1 5 DG A 7 ? DG A 7  . ? 1_555 ? 
3 AC1 5 DC B 6 ? DC B 18 . ? 1_555 ? 
4 AC1 5 DG B 7 ? DG B 19 . ? 1_555 ? 
5 AC1 5 DC B 8 ? DC B 20 . ? 1_555 ? 
# 
_pdbx_validate_close_contact.id               1 
_pdbx_validate_close_contact.PDB_model_num    1 
_pdbx_validate_close_contact.auth_atom_id_1   N2 
_pdbx_validate_close_contact.auth_asym_id_1   B 
_pdbx_validate_close_contact.auth_comp_id_1   DG 
_pdbx_validate_close_contact.auth_seq_id_1    19 
_pdbx_validate_close_contact.PDB_ins_code_1   ? 
_pdbx_validate_close_contact.label_alt_id_1   ? 
_pdbx_validate_close_contact.auth_atom_id_2   O11 
_pdbx_validate_close_contact.auth_asym_id_2   B 
_pdbx_validate_close_contact.auth_comp_id_2   HND 
_pdbx_validate_close_contact.auth_seq_id_2    25 
_pdbx_validate_close_contact.PDB_ins_code_2   ? 
_pdbx_validate_close_contact.label_alt_id_2   ? 
_pdbx_validate_close_contact.dist             2.19 
# 
loop_
_pdbx_validate_rmsd_angle.id 
_pdbx_validate_rmsd_angle.PDB_model_num 
_pdbx_validate_rmsd_angle.auth_atom_id_1 
_pdbx_validate_rmsd_angle.auth_asym_id_1 
_pdbx_validate_rmsd_angle.auth_comp_id_1 
_pdbx_validate_rmsd_angle.auth_seq_id_1 
_pdbx_validate_rmsd_angle.PDB_ins_code_1 
_pdbx_validate_rmsd_angle.label_alt_id_1 
_pdbx_validate_rmsd_angle.auth_atom_id_2 
_pdbx_validate_rmsd_angle.auth_asym_id_2 
_pdbx_validate_rmsd_angle.auth_comp_id_2 
_pdbx_validate_rmsd_angle.auth_seq_id_2 
_pdbx_validate_rmsd_angle.PDB_ins_code_2 
_pdbx_validate_rmsd_angle.label_alt_id_2 
_pdbx_validate_rmsd_angle.auth_atom_id_3 
_pdbx_validate_rmsd_angle.auth_asym_id_3 
_pdbx_validate_rmsd_angle.auth_comp_id_3 
_pdbx_validate_rmsd_angle.auth_seq_id_3 
_pdbx_validate_rmsd_angle.PDB_ins_code_3 
_pdbx_validate_rmsd_angle.label_alt_id_3 
_pdbx_validate_rmsd_angle.angle_value 
_pdbx_validate_rmsd_angle.angle_target_value 
_pdbx_validate_rmsd_angle.angle_deviation 
_pdbx_validate_rmsd_angle.angle_standard_deviation 
_pdbx_validate_rmsd_angle.linker_flag 
1  1 N3    A DC 2  ? ? C2    A DC 2  ? ? O2 A DC 2  ? ? 117.36 121.90 -4.54 0.70 N 
2  1 C6    A DT 3  ? ? C5    A DT 3  ? ? C7 A DT 3  ? ? 119.18 122.90 -3.72 0.60 N 
3  1 C4    A DA 4  ? ? C5    A DA 4  ? ? C6 A DA 4  ? ? 113.45 117.00 -3.55 0.50 N 
4  1 C5    A DA 4  ? ? C6    A DA 4  ? ? N1 A DA 4  ? ? 121.58 117.70 3.88  0.50 N 
5  1 N1    A DA 4  ? ? C6    A DA 4  ? ? N6 A DA 4  ? ? 113.58 118.60 -5.02 0.60 N 
6  1 N1    A DG 5  ? ? C6    A DG 5  ? ? O6 A DG 5  ? ? 116.17 119.90 -3.73 0.60 N 
7  1 N3    A DC 6  ? ? C2    A DC 6  ? ? O2 A DC 6  ? ? 117.69 121.90 -4.21 0.70 N 
8  1 "O4'" A DG 7  ? ? "C1'" A DG 7  ? ? N9 A DG 7  ? ? 113.07 108.30 4.77  0.30 N 
9  1 C2    A DG 7  ? ? N3    A DG 7  ? ? C4 A DG 7  ? ? 115.05 111.90 3.15  0.50 N 
10 1 C4    A DA 8  ? ? C5    A DA 8  ? ? C6 A DA 8  ? ? 113.37 117.00 -3.63 0.50 N 
11 1 C5    A DA 8  ? ? C6    A DA 8  ? ? N1 A DA 8  ? ? 121.83 117.70 4.13  0.50 N 
12 1 N1    A DA 8  ? ? C6    A DA 8  ? ? N6 A DA 8  ? ? 113.38 118.60 -5.22 0.60 N 
13 1 "O4'" A DG 9  ? ? "C1'" A DG 9  ? ? N9 A DG 9  ? ? 110.51 108.30 2.21  0.30 N 
14 1 "O4'" A DT 10 ? ? "C1'" A DT 10 ? ? N1 A DT 10 ? ? 111.02 108.30 2.72  0.30 N 
15 1 N1    A DC 11 ? ? C2    A DC 11 ? ? O2 A DC 11 ? ? 122.57 118.90 3.67  0.60 N 
16 1 N3    A DC 11 ? ? C2    A DC 11 ? ? O2 A DC 11 ? ? 116.60 121.90 -5.30 0.70 N 
17 1 N1    B DG 14 ? ? C6    B DG 14 ? ? O6 B DG 14 ? ? 116.12 119.90 -3.78 0.60 N 
18 1 C4    B DA 15 ? ? C5    B DA 15 ? ? C6 B DA 15 ? ? 113.66 117.00 -3.34 0.50 N 
19 1 C5    B DA 15 ? ? C6    B DA 15 ? ? N1 B DA 15 ? ? 121.31 117.70 3.61  0.50 N 
20 1 N1    B DA 15 ? ? C6    B DA 15 ? ? N6 B DA 15 ? ? 113.75 118.60 -4.85 0.60 N 
21 1 N3    B DC 16 ? ? C2    B DC 16 ? ? O2 B DC 16 ? ? 117.46 121.90 -4.44 0.70 N 
22 1 "O4'" B DT 17 ? ? "C1'" B DT 17 ? ? N1 B DT 17 ? ? 110.15 108.30 1.85  0.30 N 
23 1 C6    B DT 17 ? ? C5    B DT 17 ? ? C7 B DT 17 ? ? 119.22 122.90 -3.68 0.60 N 
24 1 "O4'" B DC 18 ? ? "C1'" B DC 18 ? ? N1 B DC 18 ? ? 110.17 108.30 1.87  0.30 N 
25 1 N3    B DC 18 ? ? C2    B DC 18 ? ? O2 B DC 18 ? ? 117.61 121.90 -4.29 0.70 N 
26 1 "O4'" B DG 19 ? ? "C1'" B DG 19 ? ? N9 B DG 19 ? ? 112.54 108.30 4.24  0.30 N 
27 1 N3    B DC 20 ? ? C2    B DC 20 ? ? O2 B DC 20 ? ? 117.17 121.90 -4.73 0.70 N 
28 1 C6    B DT 21 ? ? C5    B DT 21 ? ? C7 B DT 21 ? ? 119.13 122.90 -3.77 0.60 N 
29 1 C4    B DA 22 ? ? C5    B DA 22 ? ? C6 B DA 22 ? ? 113.69 117.00 -3.31 0.50 N 
30 1 C5    B DA 22 ? ? C6    B DA 22 ? ? N1 B DA 22 ? ? 121.67 117.70 3.97  0.50 N 
31 1 N1    B DA 22 ? ? C6    B DA 22 ? ? N6 B DA 22 ? ? 113.67 118.60 -4.93 0.60 N 
32 1 "O4'" B DG 23 ? ? "C1'" B DG 23 ? ? N9 B DG 23 ? ? 110.44 108.30 2.14  0.30 N 
33 1 N1    B DG 23 ? ? C6    B DG 23 ? ? O6 B DG 23 ? ? 116.27 119.90 -3.63 0.60 N 
34 1 "O4'" B DC 24 ? ? "C1'" B DC 24 ? ? N1 B DC 24 ? ? 110.97 108.30 2.67  0.30 N 
35 1 N3    B DC 24 ? ? C2    B DC 24 ? ? O2 B DC 24 ? ? 117.60 121.90 -4.30 0.70 N 
# 
loop_
_pdbx_validate_planes.id 
_pdbx_validate_planes.PDB_model_num 
_pdbx_validate_planes.auth_comp_id 
_pdbx_validate_planes.auth_asym_id 
_pdbx_validate_planes.auth_seq_id 
_pdbx_validate_planes.PDB_ins_code 
_pdbx_validate_planes.label_alt_id 
_pdbx_validate_planes.rmsd 
_pdbx_validate_planes.type 
1 1 DG A 1  ? ? 0.106 'SIDE CHAIN' 
2 1 DG A 7  ? ? 0.054 'SIDE CHAIN' 
3 1 DG B 13 ? ? 0.080 'SIDE CHAIN' 
4 1 DG B 14 ? ? 0.084 'SIDE CHAIN' 
5 1 DC B 18 ? ? 0.070 'SIDE CHAIN' 
6 1 DA B 22 ? ? 0.059 'SIDE CHAIN' 
# 
_pdbx_entry_details.entry_id                 2LBI 
_pdbx_entry_details.nonpolymer_details       
'THE STARTING COMPONENT IS (2E,4R)-4-HYDROXYNON-2-ENAL AND THE FINAL PRODUCT IS REPRESENTED BY (4S)-NONANE-1,4-DIOL.' 
_pdbx_entry_details.sequence_details         ? 
_pdbx_entry_details.compound_details         ? 
_pdbx_entry_details.source_details           ? 
_pdbx_entry_details.has_ligand_of_interest   ? 
# 
_pdbx_nmr_ensemble.average_constraint_violations_per_residue     ? 
_pdbx_nmr_ensemble.average_constraints_per_residue               ? 
_pdbx_nmr_ensemble.average_distance_constraint_violation         ? 
_pdbx_nmr_ensemble.average_torsion_angle_constraint_violation    ? 
_pdbx_nmr_ensemble.conformer_selection_criteria                  'back calculated data agree with experimental NOESY spectrum' 
_pdbx_nmr_ensemble.conformers_calculated_total_number            10 
_pdbx_nmr_ensemble.conformers_submitted_total_number             1 
_pdbx_nmr_ensemble.distance_constraint_violation_method          ? 
_pdbx_nmr_ensemble.entry_id                                      2LBI 
_pdbx_nmr_ensemble.maximum_distance_constraint_violation         ? 
_pdbx_nmr_ensemble.maximum_lower_distance_constraint_violation   ? 
_pdbx_nmr_ensemble.maximum_torsion_angle_constraint_violation    ? 
_pdbx_nmr_ensemble.maximum_upper_distance_constraint_violation   ? 
_pdbx_nmr_ensemble.torsion_angle_constraint_violation_method     ? 
# 
_pdbx_nmr_representative.conformer_id         1 
_pdbx_nmr_representative.entry_id             2LBI 
_pdbx_nmr_representative.selection_criteria   'closest to the average' 
# 
_pdbx_nmr_sample_details.contents         
;1 mM DNA (5'-D(*GP*CP*TP*AP*GP*CP*GP*AP*GP*TP*CP*C)-3'), 1 mM DNA (5'-D(*GP*GP*AP*CP*TP*CP*GP*CP*TP*AP*GP*C)-3'), 1 mM (2E,4R)-4-HYDROXYNON-2-ENAL, 100% D2O
;
_pdbx_nmr_sample_details.solution_id      1 
_pdbx_nmr_sample_details.solvent_system   '100% D2O' 
# 
loop_
_pdbx_nmr_exptl_sample.component 
_pdbx_nmr_exptl_sample.concentration 
_pdbx_nmr_exptl_sample.concentration_range 
_pdbx_nmr_exptl_sample.concentration_units 
_pdbx_nmr_exptl_sample.isotopic_labeling 
_pdbx_nmr_exptl_sample.solution_id 
;DNA (5'-D(*GP*CP*TP*AP*GP*CP*GP*AP*GP*TP*CP*C)-3')-1
;
1 ? mM ? 1 
;DNA (5'-D(*GP*GP*AP*CP*TP*CP*GP*CP*TP*AP*GP*C)-3')-2
;
1 ? mM ? 1 
'(2E,4R)-4-HYDROXYNON-2-ENAL-3'                        1 ? mM ? 1 
# 
_pdbx_nmr_exptl_sample_conditions.conditions_id       1 
_pdbx_nmr_exptl_sample_conditions.ionic_strength      100 
_pdbx_nmr_exptl_sample_conditions.pH                  7.3 
_pdbx_nmr_exptl_sample_conditions.pressure            ambient 
_pdbx_nmr_exptl_sample_conditions.pressure_units      ? 
_pdbx_nmr_exptl_sample_conditions.temperature         298 
_pdbx_nmr_exptl_sample_conditions.temperature_units   K 
# 
_pdbx_nmr_exptl.conditions_id   1 
_pdbx_nmr_exptl.experiment_id   1 
_pdbx_nmr_exptl.solution_id     1 
_pdbx_nmr_exptl.type            '2D 1H-1H NOESY' 
# 
_pdbx_nmr_constraints.disulfide_bond_constraints_total_count        ? 
_pdbx_nmr_constraints.entry_id                                      2LBI 
_pdbx_nmr_constraints.hydrogen_bond_constraints_total_count         ? 
_pdbx_nmr_constraints.NA_alpha-angle_constraints_total_count        ? 
_pdbx_nmr_constraints.NA_beta-angle_constraints_total_count         ? 
_pdbx_nmr_constraints.NA_chi-angle_constraints_total_count          ? 
_pdbx_nmr_constraints.NA_delta-angle_constraints_total_count        ? 
_pdbx_nmr_constraints.NA_epsilon-angle_constraints_total_count      ? 
_pdbx_nmr_constraints.NA_gamma-angle_constraints_total_count        ? 
_pdbx_nmr_constraints.NA_other-angle_constraints_total_count        ? 
_pdbx_nmr_constraints.NA_sugar_pucker_constraints_total_count       ? 
_pdbx_nmr_constraints.NOE_constraints_total                         369 
_pdbx_nmr_constraints.NOE_interentity_total_count                   ? 
_pdbx_nmr_constraints.NOE_interproton_distance_evaluation           ? 
_pdbx_nmr_constraints.NOE_intraresidue_total_count                  ? 
_pdbx_nmr_constraints.NOE_long_range_total_count                    ? 
_pdbx_nmr_constraints.NOE_medium_range_total_count                  ? 
_pdbx_nmr_constraints.NOE_motional_averaging_correction             ? 
_pdbx_nmr_constraints.NOE_pseudoatom_corrections                    ? 
_pdbx_nmr_constraints.NOE_sequential_total_count                    ? 
_pdbx_nmr_constraints.protein_chi_angle_constraints_total_count     ? 
_pdbx_nmr_constraints.protein_other_angle_constraints_total_count   ? 
_pdbx_nmr_constraints.protein_phi_angle_constraints_total_count     ? 
_pdbx_nmr_constraints.protein_psi_angle_constraints_total_count     ? 
# 
_pdbx_nmr_refine.entry_id           2LBI 
_pdbx_nmr_refine.method             'simulated annealing' 
_pdbx_nmr_refine.details            ? 
_pdbx_nmr_refine.software_ordinal   1 
# 
_pdbx_nmr_software.authors          'Case, Darden, Cheatham, III, Simmerling, Wang, Duke, Luo, and Kollm' 
_pdbx_nmr_software.classification   refinement 
_pdbx_nmr_software.name             Amber 
_pdbx_nmr_software.version          10 
_pdbx_nmr_software.ordinal          1 
# 
loop_
_chem_comp_atom.comp_id 
_chem_comp_atom.atom_id 
_chem_comp_atom.type_symbol 
_chem_comp_atom.pdbx_aromatic_flag 
_chem_comp_atom.pdbx_stereo_config 
_chem_comp_atom.pdbx_ordinal 
DA  OP3    O N N 1   
DA  P      P N N 2   
DA  OP1    O N N 3   
DA  OP2    O N N 4   
DA  "O5'"  O N N 5   
DA  "C5'"  C N N 6   
DA  "C4'"  C N R 7   
DA  "O4'"  O N N 8   
DA  "C3'"  C N S 9   
DA  "O3'"  O N N 10  
DA  "C2'"  C N N 11  
DA  "C1'"  C N R 12  
DA  N9     N Y N 13  
DA  C8     C Y N 14  
DA  N7     N Y N 15  
DA  C5     C Y N 16  
DA  C6     C Y N 17  
DA  N6     N N N 18  
DA  N1     N Y N 19  
DA  C2     C Y N 20  
DA  N3     N Y N 21  
DA  C4     C Y N 22  
DA  HOP3   H N N 23  
DA  HOP2   H N N 24  
DA  "H5'"  H N N 25  
DA  "H5''" H N N 26  
DA  "H4'"  H N N 27  
DA  "H3'"  H N N 28  
DA  "HO3'" H N N 29  
DA  "H2'"  H N N 30  
DA  "H2''" H N N 31  
DA  "H1'"  H N N 32  
DA  H8     H N N 33  
DA  H61    H N N 34  
DA  H62    H N N 35  
DA  H2     H N N 36  
DC  OP3    O N N 37  
DC  P      P N N 38  
DC  OP1    O N N 39  
DC  OP2    O N N 40  
DC  "O5'"  O N N 41  
DC  "C5'"  C N N 42  
DC  "C4'"  C N R 43  
DC  "O4'"  O N N 44  
DC  "C3'"  C N S 45  
DC  "O3'"  O N N 46  
DC  "C2'"  C N N 47  
DC  "C1'"  C N R 48  
DC  N1     N N N 49  
DC  C2     C N N 50  
DC  O2     O N N 51  
DC  N3     N N N 52  
DC  C4     C N N 53  
DC  N4     N N N 54  
DC  C5     C N N 55  
DC  C6     C N N 56  
DC  HOP3   H N N 57  
DC  HOP2   H N N 58  
DC  "H5'"  H N N 59  
DC  "H5''" H N N 60  
DC  "H4'"  H N N 61  
DC  "H3'"  H N N 62  
DC  "HO3'" H N N 63  
DC  "H2'"  H N N 64  
DC  "H2''" H N N 65  
DC  "H1'"  H N N 66  
DC  H41    H N N 67  
DC  H42    H N N 68  
DC  H5     H N N 69  
DC  H6     H N N 70  
DG  OP3    O N N 71  
DG  P      P N N 72  
DG  OP1    O N N 73  
DG  OP2    O N N 74  
DG  "O5'"  O N N 75  
DG  "C5'"  C N N 76  
DG  "C4'"  C N R 77  
DG  "O4'"  O N N 78  
DG  "C3'"  C N S 79  
DG  "O3'"  O N N 80  
DG  "C2'"  C N N 81  
DG  "C1'"  C N R 82  
DG  N9     N Y N 83  
DG  C8     C Y N 84  
DG  N7     N Y N 85  
DG  C5     C Y N 86  
DG  C6     C N N 87  
DG  O6     O N N 88  
DG  N1     N N N 89  
DG  C2     C N N 90  
DG  N2     N N N 91  
DG  N3     N N N 92  
DG  C4     C Y N 93  
DG  HOP3   H N N 94  
DG  HOP2   H N N 95  
DG  "H5'"  H N N 96  
DG  "H5''" H N N 97  
DG  "H4'"  H N N 98  
DG  "H3'"  H N N 99  
DG  "HO3'" H N N 100 
DG  "H2'"  H N N 101 
DG  "H2''" H N N 102 
DG  "H1'"  H N N 103 
DG  H8     H N N 104 
DG  H1     H N N 105 
DG  H21    H N N 106 
DG  H22    H N N 107 
DT  OP3    O N N 108 
DT  P      P N N 109 
DT  OP1    O N N 110 
DT  OP2    O N N 111 
DT  "O5'"  O N N 112 
DT  "C5'"  C N N 113 
DT  "C4'"  C N R 114 
DT  "O4'"  O N N 115 
DT  "C3'"  C N S 116 
DT  "O3'"  O N N 117 
DT  "C2'"  C N N 118 
DT  "C1'"  C N R 119 
DT  N1     N N N 120 
DT  C2     C N N 121 
DT  O2     O N N 122 
DT  N3     N N N 123 
DT  C4     C N N 124 
DT  O4     O N N 125 
DT  C5     C N N 126 
DT  C7     C N N 127 
DT  C6     C N N 128 
DT  HOP3   H N N 129 
DT  HOP2   H N N 130 
DT  "H5'"  H N N 131 
DT  "H5''" H N N 132 
DT  "H4'"  H N N 133 
DT  "H3'"  H N N 134 
DT  "HO3'" H N N 135 
DT  "H2'"  H N N 136 
DT  "H2''" H N N 137 
DT  "H1'"  H N N 138 
DT  H3     H N N 139 
DT  H71    H N N 140 
DT  H72    H N N 141 
DT  H73    H N N 142 
DT  H6     H N N 143 
HND C1     C N N 144 
HND C2     C N N 145 
HND C3     C N N 146 
HND C4     C N S 147 
HND C5     C N N 148 
HND C6     C N N 149 
HND C7     C N N 150 
HND C8     C N N 151 
HND C9     C N N 152 
HND O10    O N N 153 
HND O11    O N N 154 
HND H2     H N N 155 
HND H3     H N N 156 
HND H4     H N N 157 
HND H5     H N N 158 
HND H5A    H N N 159 
HND HO10   H N N 160 
HND H6     H N N 161 
HND H6A    H N N 162 
HND H7     H N N 163 
HND H7A    H N N 164 
HND H8     H N N 165 
HND H8A    H N N 166 
HND H9     H N N 167 
HND H9A    H N N 168 
HND H9B    H N N 169 
HND H1     H N N 170 
HND HO11   H N N 171 
HND H2A    H N N 172 
HND H1A    H N N 173 
HND H3A    H N N 174 
# 
loop_
_chem_comp_bond.comp_id 
_chem_comp_bond.atom_id_1 
_chem_comp_bond.atom_id_2 
_chem_comp_bond.value_order 
_chem_comp_bond.pdbx_aromatic_flag 
_chem_comp_bond.pdbx_stereo_config 
_chem_comp_bond.pdbx_ordinal 
DA  OP3   P      sing N N 1   
DA  OP3   HOP3   sing N N 2   
DA  P     OP1    doub N N 3   
DA  P     OP2    sing N N 4   
DA  P     "O5'"  sing N N 5   
DA  OP2   HOP2   sing N N 6   
DA  "O5'" "C5'"  sing N N 7   
DA  "C5'" "C4'"  sing N N 8   
DA  "C5'" "H5'"  sing N N 9   
DA  "C5'" "H5''" sing N N 10  
DA  "C4'" "O4'"  sing N N 11  
DA  "C4'" "C3'"  sing N N 12  
DA  "C4'" "H4'"  sing N N 13  
DA  "O4'" "C1'"  sing N N 14  
DA  "C3'" "O3'"  sing N N 15  
DA  "C3'" "C2'"  sing N N 16  
DA  "C3'" "H3'"  sing N N 17  
DA  "O3'" "HO3'" sing N N 18  
DA  "C2'" "C1'"  sing N N 19  
DA  "C2'" "H2'"  sing N N 20  
DA  "C2'" "H2''" sing N N 21  
DA  "C1'" N9     sing N N 22  
DA  "C1'" "H1'"  sing N N 23  
DA  N9    C8     sing Y N 24  
DA  N9    C4     sing Y N 25  
DA  C8    N7     doub Y N 26  
DA  C8    H8     sing N N 27  
DA  N7    C5     sing Y N 28  
DA  C5    C6     sing Y N 29  
DA  C5    C4     doub Y N 30  
DA  C6    N6     sing N N 31  
DA  C6    N1     doub Y N 32  
DA  N6    H61    sing N N 33  
DA  N6    H62    sing N N 34  
DA  N1    C2     sing Y N 35  
DA  C2    N3     doub Y N 36  
DA  C2    H2     sing N N 37  
DA  N3    C4     sing Y N 38  
DC  OP3   P      sing N N 39  
DC  OP3   HOP3   sing N N 40  
DC  P     OP1    doub N N 41  
DC  P     OP2    sing N N 42  
DC  P     "O5'"  sing N N 43  
DC  OP2   HOP2   sing N N 44  
DC  "O5'" "C5'"  sing N N 45  
DC  "C5'" "C4'"  sing N N 46  
DC  "C5'" "H5'"  sing N N 47  
DC  "C5'" "H5''" sing N N 48  
DC  "C4'" "O4'"  sing N N 49  
DC  "C4'" "C3'"  sing N N 50  
DC  "C4'" "H4'"  sing N N 51  
DC  "O4'" "C1'"  sing N N 52  
DC  "C3'" "O3'"  sing N N 53  
DC  "C3'" "C2'"  sing N N 54  
DC  "C3'" "H3'"  sing N N 55  
DC  "O3'" "HO3'" sing N N 56  
DC  "C2'" "C1'"  sing N N 57  
DC  "C2'" "H2'"  sing N N 58  
DC  "C2'" "H2''" sing N N 59  
DC  "C1'" N1     sing N N 60  
DC  "C1'" "H1'"  sing N N 61  
DC  N1    C2     sing N N 62  
DC  N1    C6     sing N N 63  
DC  C2    O2     doub N N 64  
DC  C2    N3     sing N N 65  
DC  N3    C4     doub N N 66  
DC  C4    N4     sing N N 67  
DC  C4    C5     sing N N 68  
DC  N4    H41    sing N N 69  
DC  N4    H42    sing N N 70  
DC  C5    C6     doub N N 71  
DC  C5    H5     sing N N 72  
DC  C6    H6     sing N N 73  
DG  OP3   P      sing N N 74  
DG  OP3   HOP3   sing N N 75  
DG  P     OP1    doub N N 76  
DG  P     OP2    sing N N 77  
DG  P     "O5'"  sing N N 78  
DG  OP2   HOP2   sing N N 79  
DG  "O5'" "C5'"  sing N N 80  
DG  "C5'" "C4'"  sing N N 81  
DG  "C5'" "H5'"  sing N N 82  
DG  "C5'" "H5''" sing N N 83  
DG  "C4'" "O4'"  sing N N 84  
DG  "C4'" "C3'"  sing N N 85  
DG  "C4'" "H4'"  sing N N 86  
DG  "O4'" "C1'"  sing N N 87  
DG  "C3'" "O3'"  sing N N 88  
DG  "C3'" "C2'"  sing N N 89  
DG  "C3'" "H3'"  sing N N 90  
DG  "O3'" "HO3'" sing N N 91  
DG  "C2'" "C1'"  sing N N 92  
DG  "C2'" "H2'"  sing N N 93  
DG  "C2'" "H2''" sing N N 94  
DG  "C1'" N9     sing N N 95  
DG  "C1'" "H1'"  sing N N 96  
DG  N9    C8     sing Y N 97  
DG  N9    C4     sing Y N 98  
DG  C8    N7     doub Y N 99  
DG  C8    H8     sing N N 100 
DG  N7    C5     sing Y N 101 
DG  C5    C6     sing N N 102 
DG  C5    C4     doub Y N 103 
DG  C6    O6     doub N N 104 
DG  C6    N1     sing N N 105 
DG  N1    C2     sing N N 106 
DG  N1    H1     sing N N 107 
DG  C2    N2     sing N N 108 
DG  C2    N3     doub N N 109 
DG  N2    H21    sing N N 110 
DG  N2    H22    sing N N 111 
DG  N3    C4     sing N N 112 
DT  OP3   P      sing N N 113 
DT  OP3   HOP3   sing N N 114 
DT  P     OP1    doub N N 115 
DT  P     OP2    sing N N 116 
DT  P     "O5'"  sing N N 117 
DT  OP2   HOP2   sing N N 118 
DT  "O5'" "C5'"  sing N N 119 
DT  "C5'" "C4'"  sing N N 120 
DT  "C5'" "H5'"  sing N N 121 
DT  "C5'" "H5''" sing N N 122 
DT  "C4'" "O4'"  sing N N 123 
DT  "C4'" "C3'"  sing N N 124 
DT  "C4'" "H4'"  sing N N 125 
DT  "O4'" "C1'"  sing N N 126 
DT  "C3'" "O3'"  sing N N 127 
DT  "C3'" "C2'"  sing N N 128 
DT  "C3'" "H3'"  sing N N 129 
DT  "O3'" "HO3'" sing N N 130 
DT  "C2'" "C1'"  sing N N 131 
DT  "C2'" "H2'"  sing N N 132 
DT  "C2'" "H2''" sing N N 133 
DT  "C1'" N1     sing N N 134 
DT  "C1'" "H1'"  sing N N 135 
DT  N1    C2     sing N N 136 
DT  N1    C6     sing N N 137 
DT  C2    O2     doub N N 138 
DT  C2    N3     sing N N 139 
DT  N3    C4     sing N N 140 
DT  N3    H3     sing N N 141 
DT  C4    O4     doub N N 142 
DT  C4    C5     sing N N 143 
DT  C5    C7     sing N N 144 
DT  C5    C6     doub N N 145 
DT  C7    H71    sing N N 146 
DT  C7    H72    sing N N 147 
DT  C7    H73    sing N N 148 
DT  C6    H6     sing N N 149 
HND H1    C1     sing N N 150 
HND C2    C1     sing N N 151 
HND C1    O11    sing N N 152 
HND C1    H1A    sing N N 153 
HND H2    C2     sing N N 154 
HND H2A   C2     sing N N 155 
HND C2    C3     sing N N 156 
HND C4    C3     sing N N 157 
HND C3    H3     sing N N 158 
HND C3    H3A    sing N N 159 
HND H4    C4     sing N N 160 
HND C5    C4     sing N N 161 
HND C4    O10    sing N N 162 
HND H5A   C5     sing N N 163 
HND C6    C5     sing N N 164 
HND C5    H5     sing N N 165 
HND C7    C6     sing N N 166 
HND H6    C6     sing N N 167 
HND C6    H6A    sing N N 168 
HND H7    C7     sing N N 169 
HND H7A   C7     sing N N 170 
HND C7    C8     sing N N 171 
HND C9    C8     sing N N 172 
HND C8    H8     sing N N 173 
HND C8    H8A    sing N N 174 
HND H9    C9     sing N N 175 
HND H9A   C9     sing N N 176 
HND C9    H9B    sing N N 177 
HND HO10  O10    sing N N 178 
HND HO11  O11    sing N N 179 
# 
loop_
_ndb_struct_conf_na.entry_id 
_ndb_struct_conf_na.feature 
2LBI 'double helix'        
2LBI 'b-form double helix' 
# 
loop_
_ndb_struct_na_base_pair.model_number 
_ndb_struct_na_base_pair.i_label_asym_id 
_ndb_struct_na_base_pair.i_label_comp_id 
_ndb_struct_na_base_pair.i_label_seq_id 
_ndb_struct_na_base_pair.i_symmetry 
_ndb_struct_na_base_pair.j_label_asym_id 
_ndb_struct_na_base_pair.j_label_comp_id 
_ndb_struct_na_base_pair.j_label_seq_id 
_ndb_struct_na_base_pair.j_symmetry 
_ndb_struct_na_base_pair.shear 
_ndb_struct_na_base_pair.stretch 
_ndb_struct_na_base_pair.stagger 
_ndb_struct_na_base_pair.buckle 
_ndb_struct_na_base_pair.propeller 
_ndb_struct_na_base_pair.opening 
_ndb_struct_na_base_pair.pair_number 
_ndb_struct_na_base_pair.pair_name 
_ndb_struct_na_base_pair.i_auth_asym_id 
_ndb_struct_na_base_pair.i_auth_seq_id 
_ndb_struct_na_base_pair.i_PDB_ins_code 
_ndb_struct_na_base_pair.j_auth_asym_id 
_ndb_struct_na_base_pair.j_auth_seq_id 
_ndb_struct_na_base_pair.j_PDB_ins_code 
_ndb_struct_na_base_pair.hbond_type_28 
_ndb_struct_na_base_pair.hbond_type_12 
1 A DG 1  1_555 B DC 12 1_555 -0.343 -0.143 0.672  12.986  13.571  2.599  1  A_DG1:DC24_B  A 1  ? B 24 ? 19 1 
1 A DC 2  1_555 B DG 11 1_555 0.090  -0.077 0.134  7.403   -13.606 -3.319 2  A_DC2:DG23_B  A 2  ? B 23 ? 19 1 
1 A DT 3  1_555 B DA 10 1_555 -0.096 0.046  -0.024 11.657  -9.600  -1.547 3  A_DT3:DA22_B  A 3  ? B 22 ? 20 1 
1 A DA 4  1_555 B DT 9  1_555 0.075  -0.019 0.249  5.302   -10.288 -0.518 4  A_DA4:DT21_B  A 4  ? B 21 ? 20 1 
1 A DG 5  1_555 B DC 8  1_555 -0.295 -0.059 0.446  12.098  -4.501  -0.027 5  A_DG5:DC20_B  A 5  ? B 20 ? 19 1 
1 A DC 6  1_555 B DG 7  1_555 0.350  -0.113 0.234  8.882   -7.999  0.795  6  A_DC6:DG19_B  A 6  ? B 19 ? 19 1 
1 A DG 7  1_555 B DC 6  1_555 -0.350 0.240  0.581  51.927  11.211  0.488  7  A_DG7:DC18_B  A 7  ? B 18 ? 19 1 
1 A DA 8  1_555 B DT 5  1_555 0.161  0.007  0.119  1.916   -17.255 -1.913 8  A_DA8:DT17_B  A 8  ? B 17 ? 20 1 
1 A DG 9  1_555 B DC 4  1_555 -0.253 -0.130 0.263  -8.418  -14.424 -2.765 9  A_DG9:DC16_B  A 9  ? B 16 ? 19 1 
1 A DT 10 1_555 B DA 3  1_555 -0.256 0.030  0.312  -15.069 -10.861 -2.688 10 A_DT10:DA15_B A 10 ? B 15 ? 20 1 
1 A DC 11 1_555 B DG 2  1_555 0.156  -0.049 0.290  -16.906 9.228   -2.069 11 A_DC11:DG14_B A 11 ? B 14 ? 19 1 
1 A DC 12 1_555 B DG 1  1_555 0.397  -0.126 0.293  -12.064 10.378  1.004  12 A_DC12:DG13_B A 12 ? B 13 ? 19 1 
# 
loop_
_ndb_struct_na_base_pair_step.model_number 
_ndb_struct_na_base_pair_step.i_label_asym_id_1 
_ndb_struct_na_base_pair_step.i_label_comp_id_1 
_ndb_struct_na_base_pair_step.i_label_seq_id_1 
_ndb_struct_na_base_pair_step.i_symmetry_1 
_ndb_struct_na_base_pair_step.j_label_asym_id_1 
_ndb_struct_na_base_pair_step.j_label_comp_id_1 
_ndb_struct_na_base_pair_step.j_label_seq_id_1 
_ndb_struct_na_base_pair_step.j_symmetry_1 
_ndb_struct_na_base_pair_step.i_label_asym_id_2 
_ndb_struct_na_base_pair_step.i_label_comp_id_2 
_ndb_struct_na_base_pair_step.i_label_seq_id_2 
_ndb_struct_na_base_pair_step.i_symmetry_2 
_ndb_struct_na_base_pair_step.j_label_asym_id_2 
_ndb_struct_na_base_pair_step.j_label_comp_id_2 
_ndb_struct_na_base_pair_step.j_label_seq_id_2 
_ndb_struct_na_base_pair_step.j_symmetry_2 
_ndb_struct_na_base_pair_step.shift 
_ndb_struct_na_base_pair_step.slide 
_ndb_struct_na_base_pair_step.rise 
_ndb_struct_na_base_pair_step.tilt 
_ndb_struct_na_base_pair_step.roll 
_ndb_struct_na_base_pair_step.twist 
_ndb_struct_na_base_pair_step.x_displacement 
_ndb_struct_na_base_pair_step.y_displacement 
_ndb_struct_na_base_pair_step.helical_rise 
_ndb_struct_na_base_pair_step.inclination 
_ndb_struct_na_base_pair_step.tip 
_ndb_struct_na_base_pair_step.helical_twist 
_ndb_struct_na_base_pair_step.step_number 
_ndb_struct_na_base_pair_step.step_name 
_ndb_struct_na_base_pair_step.i_auth_asym_id_1 
_ndb_struct_na_base_pair_step.i_auth_seq_id_1 
_ndb_struct_na_base_pair_step.i_PDB_ins_code_1 
_ndb_struct_na_base_pair_step.j_auth_asym_id_1 
_ndb_struct_na_base_pair_step.j_auth_seq_id_1 
_ndb_struct_na_base_pair_step.j_PDB_ins_code_1 
_ndb_struct_na_base_pair_step.i_auth_asym_id_2 
_ndb_struct_na_base_pair_step.i_auth_seq_id_2 
_ndb_struct_na_base_pair_step.i_PDB_ins_code_2 
_ndb_struct_na_base_pair_step.j_auth_asym_id_2 
_ndb_struct_na_base_pair_step.j_auth_seq_id_2 
_ndb_struct_na_base_pair_step.j_PDB_ins_code_2 
1 A DG 1  1_555 B DC 12 1_555 A DC 2  1_555 B DG 11 1_555 -0.453 -0.657 3.625 5.193  2.914   29.435 -1.921 2.036  3.417 5.663   
-10.091 30.018 1  AA_DG1DC2:DG23DC24_BB   A 1  ? B 24 ? A 2  ? B 23 ? 
1 A DC 2  1_555 B DG 11 1_555 A DT 3  1_555 B DA 10 1_555 0.615  -0.342 3.283 1.760  2.034   34.755 -0.881 -0.759 3.285 3.398   
-2.941  34.856 2  AA_DC2DT3:DA22DG23_BB   A 2  ? B 23 ? A 3  ? B 22 ? 
1 A DT 3  1_555 B DA 10 1_555 A DA 4  1_555 B DT 9  1_555 0.164  -1.309 3.280 -2.571 13.669  30.858 -4.294 -0.666 2.474 24.206  
4.553   33.779 3  AA_DT3DA4:DT21DA22_BB   A 3  ? B 22 ? A 4  ? B 21 ? 
1 A DA 4  1_555 B DT 9  1_555 A DG 5  1_555 B DC 8  1_555 -0.347 -0.636 3.209 -1.933 1.022   33.570 -1.262 0.290  3.203 1.767   
3.342   33.639 4  AA_DA4DG5:DC20DT21_BB   A 4  ? B 21 ? A 5  ? B 20 ? 
1 A DG 5  1_555 B DC 8  1_555 A DC 6  1_555 B DG 7  1_555 0.119  0.405  3.608 5.041  -6.269  40.991 1.292  0.414  3.502 -8.849  
-7.116  41.739 5  AA_DG5DC6:DG19DC20_BB   A 5  ? B 20 ? A 6  ? B 19 ? 
1 A DC 6  1_555 B DG 7  1_555 A DG 7  1_555 B DC 6  1_555 0.882  2.724  2.939 4.007  -12.376 33.977 5.710  -0.981 1.949 -20.280 
-6.566  36.314 6  AA_DC6DG7:DC18DG19_BB   A 6  ? B 19 ? A 7  ? B 18 ? 
1 A DG 7  1_555 B DC 6  1_555 A DA 8  1_555 B DT 5  1_555 -0.257 0.781  6.074 2.398  -0.668  39.973 1.282  0.884  6.036 -0.976  
-3.504  40.047 7  AA_DG7DA8:DT17DC18_BB   A 7  ? B 18 ? A 8  ? B 17 ? 
1 A DA 8  1_555 B DT 5  1_555 A DG 9  1_555 B DC 4  1_555 -0.200 -0.738 3.498 -2.800 -2.418  33.081 -0.853 -0.154 3.546 -4.230  
4.898   33.281 8  AA_DA8DG9:DC16DT17_BB   A 8  ? B 17 ? A 9  ? B 16 ? 
1 A DG 9  1_555 B DC 4  1_555 A DT 10 1_555 B DA 3  1_555 -0.031 -0.719 3.503 0.105  0.892   34.251 -1.370 0.071  3.484 1.514   
-0.179  34.262 9  AA_DG9DT10:DA15DC16_BB  A 9  ? B 16 ? A 10 ? B 15 ? 
1 A DT 10 1_555 B DA 3  1_555 A DC 11 1_555 B DG 2  1_555 0.608  -0.055 3.542 0.422  5.974   39.911 -0.808 -0.830 3.504 8.692   
-0.614  40.339 10 AA_DT10DC11:DG14DA15_BB A 10 ? B 15 ? A 11 ? B 14 ? 
1 A DC 11 1_555 B DG 2  1_555 A DC 12 1_555 B DG 1  1_555 0.330  -0.758 3.411 0.288  -3.262  30.997 -0.755 -0.556 3.474 -6.082  
-0.537  31.165 11 AA_DC11DC12:DG13DG14_BB A 11 ? B 14 ? A 12 ? B 13 ? 
# 
loop_
_pdbx_nmr_spectrometer.field_strength 
_pdbx_nmr_spectrometer.manufacturer 
_pdbx_nmr_spectrometer.model 
_pdbx_nmr_spectrometer.spectrometer_id 
_pdbx_nmr_spectrometer.type 
500 Bruker AVANCE 1 'Bruker Avance' 
800 Bruker AVANCE 2 'Bruker Avance' 
# 
_atom_sites.entry_id                    2LBI 
_atom_sites.fract_transf_matrix[1][1]   1.000000 
_atom_sites.fract_transf_matrix[1][2]   0.000000 
_atom_sites.fract_transf_matrix[1][3]   0.000000 
_atom_sites.fract_transf_matrix[2][1]   0.000000 
_atom_sites.fract_transf_matrix[2][2]   1.000000 
_atom_sites.fract_transf_matrix[2][3]   0.000000 
_atom_sites.fract_transf_matrix[3][1]   0.000000 
_atom_sites.fract_transf_matrix[3][2]   0.000000 
_atom_sites.fract_transf_matrix[3][3]   1.000000 
_atom_sites.fract_transf_vector[1]      0.00000 
_atom_sites.fract_transf_vector[2]      0.00000 
_atom_sites.fract_transf_vector[3]      0.00000 
# 
loop_
_atom_type.symbol 
C 
H 
N 
O 
P 
# 
loop_
_atom_site.group_PDB 
_atom_site.id 
_atom_site.type_symbol 
_atom_site.label_atom_id 
_atom_site.label_alt_id 
_atom_site.label_comp_id 
_atom_site.label_asym_id 
_atom_site.label_entity_id 
_atom_site.label_seq_id 
_atom_site.pdbx_PDB_ins_code 
_atom_site.Cartn_x 
_atom_site.Cartn_y 
_atom_site.Cartn_z 
_atom_site.occupancy 
_atom_site.B_iso_or_equiv 
_atom_site.pdbx_formal_charge 
_atom_site.auth_seq_id 
_atom_site.auth_comp_id 
_atom_site.auth_asym_id 
_atom_site.auth_atom_id 
_atom_site.pdbx_PDB_model_num 
ATOM   1   O "O5'"  . DG  A 1 1  ? 11.858  17.359  3.778   1.00 0.00 ? 1  DG  A "O5'"  1 
ATOM   2   C "C5'"  . DG  A 1 1  ? 11.694  18.769  3.896   1.00 0.00 ? 1  DG  A "C5'"  1 
ATOM   3   C "C4'"  . DG  A 1 1  ? 10.301  19.288  3.496   1.00 0.00 ? 1  DG  A "C4'"  1 
ATOM   4   O "O4'"  . DG  A 1 1  ? 10.105  19.200  2.091   1.00 0.00 ? 1  DG  A "O4'"  1 
ATOM   5   C "C3'"  . DG  A 1 1  ? 9.150   18.567  4.191   1.00 0.00 ? 1  DG  A "C3'"  1 
ATOM   6   O "O3'"  . DG  A 1 1  ? 8.217   19.559  4.579   1.00 0.00 ? 1  DG  A "O3'"  1 
ATOM   7   C "C2'"  . DG  A 1 1  ? 8.637   17.619  3.110   1.00 0.00 ? 1  DG  A "C2'"  1 
ATOM   8   C "C1'"  . DG  A 1 1  ? 9.016   18.328  1.806   1.00 0.00 ? 1  DG  A "C1'"  1 
ATOM   9   N N9     . DG  A 1 1  ? 9.453   17.401  0.736   1.00 0.00 ? 1  DG  A N9     1 
ATOM   10  C C8     . DG  A 1 1  ? 10.487  16.501  0.777   1.00 0.00 ? 1  DG  A C8     1 
ATOM   11  N N7     . DG  A 1 1  ? 10.792  15.973  -0.378  1.00 0.00 ? 1  DG  A N7     1 
ATOM   12  C C5     . DG  A 1 1  ? 9.876   16.570  -1.262  1.00 0.00 ? 1  DG  A C5     1 
ATOM   13  C C6     . DG  A 1 1  ? 9.757   16.531  -2.698  1.00 0.00 ? 1  DG  A C6     1 
ATOM   14  O O6     . DG  A 1 1  ? 10.480  15.986  -3.533  1.00 0.00 ? 1  DG  A O6     1 
ATOM   15  N N1     . DG  A 1 1  ? 8.718   17.294  -3.183  1.00 0.00 ? 1  DG  A N1     1 
ATOM   16  C C2     . DG  A 1 1  ? 7.897   18.035  -2.408  1.00 0.00 ? 1  DG  A C2     1 
ATOM   17  N N2     . DG  A 1 1  ? 6.938   18.688  -3.001  1.00 0.00 ? 1  DG  A N2     1 
ATOM   18  N N3     . DG  A 1 1  ? 8.018   18.176  -1.092  1.00 0.00 ? 1  DG  A N3     1 
ATOM   19  C C4     . DG  A 1 1  ? 9.027   17.413  -0.573  1.00 0.00 ? 1  DG  A C4     1 
ATOM   20  H "H5'"  . DG  A 1 1  ? 12.434  19.272  3.272   1.00 0.00 ? 1  DG  A "H5'"  1 
ATOM   21  H "H5''" . DG  A 1 1  ? 11.861  19.057  4.935   1.00 0.00 ? 1  DG  A "H5''" 1 
ATOM   22  H "H4'"  . DG  A 1 1  ? 10.249  20.341  3.775   1.00 0.00 ? 1  DG  A "H4'"  1 
ATOM   23  H "H3'"  . DG  A 1 1  ? 9.500   18.017  5.066   1.00 0.00 ? 1  DG  A "H3'"  1 
ATOM   24  H "H2'"  . DG  A 1 1  ? 9.144   16.659  3.201   1.00 0.00 ? 1  DG  A "H2'"  1 
ATOM   25  H "H2''" . DG  A 1 1  ? 7.561   17.474  3.177   1.00 0.00 ? 1  DG  A "H2''" 1 
ATOM   26  H "H1'"  . DG  A 1 1  ? 8.152   18.909  1.463   1.00 0.00 ? 1  DG  A "H1'"  1 
ATOM   27  H H8     . DG  A 1 1  ? 11.032  16.292  1.687   1.00 0.00 ? 1  DG  A H8     1 
ATOM   28  H H1     . DG  A 1 1  ? 8.554   17.261  -4.178  1.00 0.00 ? 1  DG  A H1     1 
ATOM   29  H H21    . DG  A 1 1  ? 6.200   19.035  -2.413  1.00 0.00 ? 1  DG  A H21    1 
ATOM   30  H H22    . DG  A 1 1  ? 6.853   18.671  -4.011  1.00 0.00 ? 1  DG  A H22    1 
ATOM   31  H "HO5'" . DG  A 1 1  ? 12.725  17.110  4.107   1.00 0.00 ? 1  DG  A "HO5'" 1 
ATOM   32  P P      . DC  A 1 2  ? 6.985   19.236  5.557   1.00 0.00 ? 2  DC  A P      1 
ATOM   33  O OP1    . DC  A 1 2  ? 6.591   20.511  6.191   1.00 0.00 ? 2  DC  A OP1    1 
ATOM   34  O OP2    . DC  A 1 2  ? 7.375   18.077  6.388   1.00 0.00 ? 2  DC  A OP2    1 
ATOM   35  O "O5'"  . DC  A 1 2  ? 5.866   18.788  4.494   1.00 0.00 ? 2  DC  A "O5'"  1 
ATOM   36  C "C5'"  . DC  A 1 2  ? 5.277   19.750  3.630   1.00 0.00 ? 2  DC  A "C5'"  1 
ATOM   37  C "C4'"  . DC  A 1 2  ? 4.479   19.143  2.468   1.00 0.00 ? 2  DC  A "C4'"  1 
ATOM   38  O "O4'"  . DC  A 1 2  ? 5.309   18.407  1.579   1.00 0.00 ? 2  DC  A "O4'"  1 
ATOM   39  C "C3'"  . DC  A 1 2  ? 3.306   18.243  2.875   1.00 0.00 ? 2  DC  A "C3'"  1 
ATOM   40  O "O3'"  . DC  A 1 2  ? 2.097   18.914  2.544   1.00 0.00 ? 2  DC  A "O3'"  1 
ATOM   41  C "C2'"  . DC  A 1 2  ? 3.530   16.988  2.027   1.00 0.00 ? 2  DC  A "C2'"  1 
ATOM   42  C "C1'"  . DC  A 1 2  ? 4.479   17.466  0.924   1.00 0.00 ? 2  DC  A "C1'"  1 
ATOM   43  N N1     . DC  A 1 2  ? 5.318   16.395  0.313   1.00 0.00 ? 2  DC  A N1     1 
ATOM   44  C C2     . DC  A 1 2  ? 5.312   16.214  -1.079  1.00 0.00 ? 2  DC  A C2     1 
ATOM   45  O O2     . DC  A 1 2  ? 4.597   16.884  -1.822  1.00 0.00 ? 2  DC  A O2     1 
ATOM   46  N N3     . DC  A 1 2  ? 6.109   15.284  -1.656  1.00 0.00 ? 2  DC  A N3     1 
ATOM   47  C C4     . DC  A 1 2  ? 6.872   14.537  -0.887  1.00 0.00 ? 2  DC  A C4     1 
ATOM   48  N N4     . DC  A 1 2  ? 7.628   13.670  -1.491  1.00 0.00 ? 2  DC  A N4     1 
ATOM   49  C C5     . DC  A 1 2  ? 6.937   14.677  0.529   1.00 0.00 ? 2  DC  A C5     1 
ATOM   50  C C6     . DC  A 1 2  ? 6.144   15.623  1.094   1.00 0.00 ? 2  DC  A C6     1 
ATOM   51  H "H5'"  . DC  A 1 2  ? 6.065   20.374  3.205   1.00 0.00 ? 2  DC  A "H5'"  1 
ATOM   52  H "H5''" . DC  A 1 2  ? 4.618   20.391  4.218   1.00 0.00 ? 2  DC  A "H5''" 1 
ATOM   53  H "H4'"  . DC  A 1 2  ? 4.054   19.973  1.905   1.00 0.00 ? 2  DC  A "H4'"  1 
ATOM   54  H "H3'"  . DC  A 1 2  ? 3.341   18.008  3.942   1.00 0.00 ? 2  DC  A "H3'"  1 
ATOM   55  H "H2'"  . DC  A 1 2  ? 3.988   16.221  2.649   1.00 0.00 ? 2  DC  A "H2'"  1 
ATOM   56  H "H2''" . DC  A 1 2  ? 2.601   16.616  1.603   1.00 0.00 ? 2  DC  A "H2''" 1 
ATOM   57  H "H1'"  . DC  A 1 2  ? 3.881   17.967  0.154   1.00 0.00 ? 2  DC  A "H1'"  1 
ATOM   58  H H41    . DC  A 1 2  ? 8.145   13.000  -0.968  1.00 0.00 ? 2  DC  A H41    1 
ATOM   59  H H42    . DC  A 1 2  ? 7.568   13.606  -2.505  1.00 0.00 ? 2  DC  A H42    1 
ATOM   60  H H5     . DC  A 1 2  ? 7.581   14.068  1.141   1.00 0.00 ? 2  DC  A H5     1 
ATOM   61  H H6     . DC  A 1 2  ? 6.157   15.800  2.162   1.00 0.00 ? 2  DC  A H6     1 
ATOM   62  P P      . DT  A 1 3  ? 0.649   18.370  3.001   1.00 0.00 ? 3  DT  A P      1 
ATOM   63  O OP1    . DT  A 1 3  ? -0.251  19.537  3.130   1.00 0.00 ? 3  DT  A OP1    1 
ATOM   64  O OP2    . DT  A 1 3  ? 0.836   17.447  4.139   1.00 0.00 ? 3  DT  A OP2    1 
ATOM   65  O "O5'"  . DT  A 1 3  ? 0.203   17.516  1.710   1.00 0.00 ? 3  DT  A "O5'"  1 
ATOM   66  C "C5'"  . DT  A 1 3  ? -0.134  18.180  0.500   1.00 0.00 ? 3  DT  A "C5'"  1 
ATOM   67  C "C4'"  . DT  A 1 3  ? -0.310  17.240  -0.699  1.00 0.00 ? 3  DT  A "C4'"  1 
ATOM   68  O "O4'"  . DT  A 1 3  ? 0.904   16.545  -0.959  1.00 0.00 ? 3  DT  A "O4'"  1 
ATOM   69  C "C3'"  . DT  A 1 3  ? -1.448  16.216  -0.569  1.00 0.00 ? 3  DT  A "C3'"  1 
ATOM   70  O "O3'"  . DT  A 1 3  ? -2.323  16.380  -1.678  1.00 0.00 ? 3  DT  A "O3'"  1 
ATOM   71  C "C2'"  . DT  A 1 3  ? -0.704  14.881  -0.602  1.00 0.00 ? 3  DT  A "C2'"  1 
ATOM   72  C "C1'"  . DT  A 1 3  ? 0.580   15.228  -1.362  1.00 0.00 ? 3  DT  A "C1'"  1 
ATOM   73  N N1     . DT  A 1 3  ? 1.733   14.332  -1.065  1.00 0.00 ? 3  DT  A N1     1 
ATOM   74  C C2     . DT  A 1 3  ? 2.423   13.751  -2.139  1.00 0.00 ? 3  DT  A C2     1 
ATOM   75  O O2     . DT  A 1 3  ? 2.134   13.939  -3.315  1.00 0.00 ? 3  DT  A O2     1 
ATOM   76  N N3     . DT  A 1 3  ? 3.491   12.939  -1.826  1.00 0.00 ? 3  DT  A N3     1 
ATOM   77  C C4     . DT  A 1 3  ? 3.936   12.652  -0.557  1.00 0.00 ? 3  DT  A C4     1 
ATOM   78  O O4     . DT  A 1 3  ? 4.916   11.920  -0.416  1.00 0.00 ? 3  DT  A O4     1 
ATOM   79  C C5     . DT  A 1 3  ? 3.188   13.304  0.519   1.00 0.00 ? 3  DT  A C5     1 
ATOM   80  C C7     . DT  A 1 3  ? 3.589   13.085  1.968   1.00 0.00 ? 3  DT  A C7     1 
ATOM   81  C C6     . DT  A 1 3  ? 2.133   14.112  0.237   1.00 0.00 ? 3  DT  A C6     1 
ATOM   82  H "H5'"  . DT  A 1 3  ? 0.659   18.889  0.257   1.00 0.00 ? 3  DT  A "H5'"  1 
ATOM   83  H "H5''" . DT  A 1 3  ? -1.056  18.742  0.653   1.00 0.00 ? 3  DT  A "H5''" 1 
ATOM   84  H "H4'"  . DT  A 1 3  ? -0.535  17.856  -1.569  1.00 0.00 ? 3  DT  A "H4'"  1 
ATOM   85  H "H3'"  . DT  A 1 3  ? -1.988  16.344  0.372   1.00 0.00 ? 3  DT  A "H3'"  1 
ATOM   86  H "H2'"  . DT  A 1 3  ? -0.503  14.571  0.422   1.00 0.00 ? 3  DT  A "H2'"  1 
ATOM   87  H "H2''" . DT  A 1 3  ? -1.266  14.106  -1.117  1.00 0.00 ? 3  DT  A "H2''" 1 
ATOM   88  H "H1'"  . DT  A 1 3  ? 0.352   15.218  -2.434  1.00 0.00 ? 3  DT  A "H1'"  1 
ATOM   89  H H3     . DT  A 1 3  ? 3.941   12.467  -2.599  1.00 0.00 ? 3  DT  A H3     1 
ATOM   90  H H71    . DT  A 1 3  ? 2.964   13.671  2.642   1.00 0.00 ? 3  DT  A H71    1 
ATOM   91  H H72    . DT  A 1 3  ? 3.483   12.026  2.203   1.00 0.00 ? 3  DT  A H72    1 
ATOM   92  H H73    . DT  A 1 3  ? 4.633   13.362  2.098   1.00 0.00 ? 3  DT  A H73    1 
ATOM   93  H H6     . DT  A 1 3  ? 1.594   14.607  1.035   1.00 0.00 ? 3  DT  A H6     1 
ATOM   94  P P      . DA  A 1 4  ? -3.755  15.643  -1.775  1.00 0.00 ? 4  DA  A P      1 
ATOM   95  O OP1    . DA  A 1 4  ? -4.602  16.432  -2.698  1.00 0.00 ? 4  DA  A OP1    1 
ATOM   96  O OP2    . DA  A 1 4  ? -4.225  15.363  -0.402  1.00 0.00 ? 4  DA  A OP2    1 
ATOM   97  O "O5'"  . DA  A 1 4  ? -3.365  14.252  -2.483  1.00 0.00 ? 4  DA  A "O5'"  1 
ATOM   98  C "C5'"  . DA  A 1 4  ? -2.980  14.220  -3.850  1.00 0.00 ? 4  DA  A "C5'"  1 
ATOM   99  C "C4'"  . DA  A 1 4  ? -2.411  12.866  -4.300  1.00 0.00 ? 4  DA  A "C4'"  1 
ATOM   100 O "O4'"  . DA  A 1 4  ? -1.176  12.578  -3.667  1.00 0.00 ? 4  DA  A "O4'"  1 
ATOM   101 C "C3'"  . DA  A 1 4  ? -3.326  11.650  -4.099  1.00 0.00 ? 4  DA  A "C3'"  1 
ATOM   102 O "O3'"  . DA  A 1 4  ? -3.905  11.297  -5.350  1.00 0.00 ? 4  DA  A "O3'"  1 
ATOM   103 C "C2'"  . DA  A 1 4  ? -2.361  10.579  -3.574  1.00 0.00 ? 4  DA  A "C2'"  1 
ATOM   104 C "C1'"  . DA  A 1 4  ? -0.975  11.184  -3.798  1.00 0.00 ? 4  DA  A "C1'"  1 
ATOM   105 N N9     . DA  A 1 4  ? 0.046   10.736  -2.824  1.00 0.00 ? 4  DA  A N9     1 
ATOM   106 C C8     . DA  A 1 4  ? 0.191   11.113  -1.512  1.00 0.00 ? 4  DA  A C8     1 
ATOM   107 N N7     . DA  A 1 4  ? 1.265   10.652  -0.924  1.00 0.00 ? 4  DA  A N7     1 
ATOM   108 C C5     . DA  A 1 4  ? 1.853   9.868   -1.936  1.00 0.00 ? 4  DA  A C5     1 
ATOM   109 C C6     . DA  A 1 4  ? 3.023   9.078   -2.045  1.00 0.00 ? 4  DA  A C6     1 
ATOM   110 N N6     . DA  A 1 4  ? 3.928   8.936   -1.094  1.00 0.00 ? 4  DA  A N6     1 
ATOM   111 N N1     . DA  A 1 4  ? 3.337   8.448   -3.177  1.00 0.00 ? 4  DA  A N1     1 
ATOM   112 C C2     . DA  A 1 4  ? 2.513   8.581   -4.208  1.00 0.00 ? 4  DA  A C2     1 
ATOM   113 N N3     . DA  A 1 4  ? 1.392   9.289   -4.269  1.00 0.00 ? 4  DA  A N3     1 
ATOM   114 C C4     . DA  A 1 4  ? 1.113   9.909   -3.088  1.00 0.00 ? 4  DA  A C4     1 
ATOM   115 H "H5'"  . DA  A 1 4  ? -2.216  14.980  -4.022  1.00 0.00 ? 4  DA  A "H5'"  1 
ATOM   116 H "H5''" . DA  A 1 4  ? -3.850  14.462  -4.463  1.00 0.00 ? 4  DA  A "H5''" 1 
ATOM   117 H "H4'"  . DA  A 1 4  ? -2.218  12.939  -5.371  1.00 0.00 ? 4  DA  A "H4'"  1 
ATOM   118 H "H3'"  . DA  A 1 4  ? -4.099  11.871  -3.360  1.00 0.00 ? 4  DA  A "H3'"  1 
ATOM   119 H "H2'"  . DA  A 1 4  ? -2.544  10.412  -2.513  1.00 0.00 ? 4  DA  A "H2'"  1 
ATOM   120 H "H2''" . DA  A 1 4  ? -2.457  9.644   -4.125  1.00 0.00 ? 4  DA  A "H2''" 1 
ATOM   121 H "H1'"  . DA  A 1 4  ? -0.636  10.945  -4.811  1.00 0.00 ? 4  DA  A "H1'"  1 
ATOM   122 H H8     . DA  A 1 4  ? -0.516  11.773  -1.030  1.00 0.00 ? 4  DA  A H8     1 
ATOM   123 H H61    . DA  A 1 4  ? 3.783   9.417   -0.228  1.00 0.00 ? 4  DA  A H61    1 
ATOM   124 H H62    . DA  A 1 4  ? 4.745   8.371   -1.289  1.00 0.00 ? 4  DA  A H62    1 
ATOM   125 H H2     . DA  A 1 4  ? 2.795   8.053   -5.111  1.00 0.00 ? 4  DA  A H2     1 
ATOM   126 P P      . DG  A 1 5  ? -5.108  10.229  -5.483  1.00 0.00 ? 5  DG  A P      1 
ATOM   127 O OP1    . DG  A 1 5  ? -5.896  10.582  -6.684  1.00 0.00 ? 5  DG  A OP1    1 
ATOM   128 O OP2    . DG  A 1 5  ? -5.785  10.109  -4.174  1.00 0.00 ? 5  DG  A OP2    1 
ATOM   129 O "O5'"  . DG  A 1 5  ? -4.337  8.850   -5.778  1.00 0.00 ? 5  DG  A "O5'"  1 
ATOM   130 C "C5'"  . DG  A 1 5  ? -3.661  8.645   -7.012  1.00 0.00 ? 5  DG  A "C5'"  1 
ATOM   131 C "C4'"  . DG  A 1 5  ? -2.974  7.277   -7.112  1.00 0.00 ? 5  DG  A "C4'"  1 
ATOM   132 O "O4'"  . DG  A 1 5  ? -1.861  7.237   -6.232  1.00 0.00 ? 5  DG  A "O4'"  1 
ATOM   133 C "C3'"  . DG  A 1 5  ? -3.894  6.086   -6.810  1.00 0.00 ? 5  DG  A "C3'"  1 
ATOM   134 O "O3'"  . DG  A 1 5  ? -3.832  5.169   -7.898  1.00 0.00 ? 5  DG  A "O3'"  1 
ATOM   135 C "C2'"  . DG  A 1 5  ? -3.299  5.532   -5.516  1.00 0.00 ? 5  DG  A "C2'"  1 
ATOM   136 C "C1'"  . DG  A 1 5  ? -1.844  6.000   -5.544  1.00 0.00 ? 5  DG  A "C1'"  1 
ATOM   137 N N9     . DG  A 1 5  ? -1.251  6.206   -4.198  1.00 0.00 ? 5  DG  A N9     1 
ATOM   138 C C8     . DG  A 1 5  ? -1.724  6.977   -3.165  1.00 0.00 ? 5  DG  A C8     1 
ATOM   139 N N7     . DG  A 1 5  ? -0.940  7.031   -2.122  1.00 0.00 ? 5  DG  A N7     1 
ATOM   140 C C5     . DG  A 1 5  ? 0.158   6.233   -2.492  1.00 0.00 ? 5  DG  A C5     1 
ATOM   141 C C6     . DG  A 1 5  ? 1.397   5.908   -1.821  1.00 0.00 ? 5  DG  A C6     1 
ATOM   142 O O6     . DG  A 1 5  ? 1.832   6.274   -0.727  1.00 0.00 ? 5  DG  A O6     1 
ATOM   143 N N1     . DG  A 1 5  ? 2.211   5.065   -2.548  1.00 0.00 ? 5  DG  A N1     1 
ATOM   144 C C2     . DG  A 1 5  ? 1.898   4.586   -3.774  1.00 0.00 ? 5  DG  A C2     1 
ATOM   145 N N2     . DG  A 1 5  ? 2.733   3.749   -4.316  1.00 0.00 ? 5  DG  A N2     1 
ATOM   146 N N3     . DG  A 1 5  ? 0.783   4.864   -4.439  1.00 0.00 ? 5  DG  A N3     1 
ATOM   147 C C4     . DG  A 1 5  ? -0.047  5.705   -3.752  1.00 0.00 ? 5  DG  A C4     1 
ATOM   148 H "H5'"  . DG  A 1 5  ? -2.904  9.421   -7.139  1.00 0.00 ? 5  DG  A "H5'"  1 
ATOM   149 H "H5''" . DG  A 1 5  ? -4.380  8.732   -7.826  1.00 0.00 ? 5  DG  A "H5''" 1 
ATOM   150 H "H4'"  . DG  A 1 5  ? -2.601  7.161   -8.132  1.00 0.00 ? 5  DG  A "H4'"  1 
ATOM   151 H "H3'"  . DG  A 1 5  ? -4.923  6.418   -6.656  1.00 0.00 ? 5  DG  A "H3'"  1 
ATOM   152 H "H2'"  . DG  A 1 5  ? -3.836  5.960   -4.671  1.00 0.00 ? 5  DG  A "H2'"  1 
ATOM   153 H "H2''" . DG  A 1 5  ? -3.360  4.449   -5.490  1.00 0.00 ? 5  DG  A "H2''" 1 
ATOM   154 H "H1'"  . DG  A 1 5  ? -1.244  5.276   -6.102  1.00 0.00 ? 5  DG  A "H1'"  1 
ATOM   155 H H8     . DG  A 1 5  ? -2.660  7.512   -3.235  1.00 0.00 ? 5  DG  A H8     1 
ATOM   156 H H1     . DG  A 1 5  ? 3.089   4.800   -2.134  1.00 0.00 ? 5  DG  A H1     1 
ATOM   157 H H21    . DG  A 1 5  ? 2.468   3.353   -5.196  1.00 0.00 ? 5  DG  A H21    1 
ATOM   158 H H22    . DG  A 1 5  ? 3.590   3.484   -3.842  1.00 0.00 ? 5  DG  A H22    1 
ATOM   159 P P      . DC  A 1 6  ? -4.756  3.845   -8.003  1.00 0.00 ? 6  DC  A P      1 
ATOM   160 O OP1    . DC  A 1 6  ? -5.166  3.684   -9.417  1.00 0.00 ? 6  DC  A OP1    1 
ATOM   161 O OP2    . DC  A 1 6  ? -5.791  3.901   -6.948  1.00 0.00 ? 6  DC  A OP2    1 
ATOM   162 O "O5'"  . DC  A 1 6  ? -3.713  2.674   -7.639  1.00 0.00 ? 6  DC  A "O5'"  1 
ATOM   163 C "C5'"  . DC  A 1 6  ? -2.584  2.438   -8.476  1.00 0.00 ? 6  DC  A "C5'"  1 
ATOM   164 C "C4'"  . DC  A 1 6  ? -1.537  1.473   -7.895  1.00 0.00 ? 6  DC  A "C4'"  1 
ATOM   165 O "O4'"  . DC  A 1 6  ? -1.089  1.984   -6.653  1.00 0.00 ? 6  DC  A "O4'"  1 
ATOM   166 C "C3'"  . DC  A 1 6  ? -2.002  0.024   -7.695  1.00 0.00 ? 6  DC  A "C3'"  1 
ATOM   167 O "O3'"  . DC  A 1 6  ? -0.996  -0.856  -8.191  1.00 0.00 ? 6  DC  A "O3'"  1 
ATOM   168 C "C2'"  . DC  A 1 6  ? -2.161  -0.083  -6.183  1.00 0.00 ? 6  DC  A "C2'"  1 
ATOM   169 C "C1'"  . DC  A 1 6  ? -1.155  0.960   -5.681  1.00 0.00 ? 6  DC  A "C1'"  1 
ATOM   170 N N1     . DC  A 1 6  ? -1.489  1.608   -4.381  1.00 0.00 ? 6  DC  A N1     1 
ATOM   171 C C2     . DC  A 1 6  ? -0.496  1.688   -3.407  1.00 0.00 ? 6  DC  A C2     1 
ATOM   172 O O2     . DC  A 1 6  ? 0.591   1.148   -3.567  1.00 0.00 ? 6  DC  A O2     1 
ATOM   173 N N3     . DC  A 1 6  ? -0.711  2.337   -2.238  1.00 0.00 ? 6  DC  A N3     1 
ATOM   174 C C4     . DC  A 1 6  ? -1.877  2.904   -2.043  1.00 0.00 ? 6  DC  A C4     1 
ATOM   175 N N4     . DC  A 1 6  ? -2.018  3.510   -0.898  1.00 0.00 ? 6  DC  A N4     1 
ATOM   176 C C5     . DC  A 1 6  ? -2.939  2.864   -2.989  1.00 0.00 ? 6  DC  A C5     1 
ATOM   177 C C6     . DC  A 1 6  ? -2.704  2.209   -4.161  1.00 0.00 ? 6  DC  A C6     1 
ATOM   178 H "H5'"  . DC  A 1 6  ? -2.080  3.390   -8.656  1.00 0.00 ? 6  DC  A "H5'"  1 
ATOM   179 H "H5''" . DC  A 1 6  ? -2.930  2.058   -9.437  1.00 0.00 ? 6  DC  A "H5''" 1 
ATOM   180 H "H4'"  . DC  A 1 6  ? -0.688  1.453   -8.577  1.00 0.00 ? 6  DC  A "H4'"  1 
ATOM   181 H "H3'"  . DC  A 1 6  ? -2.950  -0.149  -8.206  1.00 0.00 ? 6  DC  A "H3'"  1 
ATOM   182 H "H2'"  . DC  A 1 6  ? -3.183  0.170   -5.908  1.00 0.00 ? 6  DC  A "H2'"  1 
ATOM   183 H "H2''" . DC  A 1 6  ? -1.910  -1.083  -5.830  1.00 0.00 ? 6  DC  A "H2''" 1 
ATOM   184 H "H1'"  . DC  A 1 6  ? -0.174  0.473   -5.628  1.00 0.00 ? 6  DC  A "H1'"  1 
ATOM   185 H H41    . DC  A 1 6  ? -2.841  4.032   -0.700  1.00 0.00 ? 6  DC  A H41    1 
ATOM   186 H H42    . DC  A 1 6  ? -1.211  3.506   -0.278  1.00 0.00 ? 6  DC  A H42    1 
ATOM   187 H H5     . DC  A 1 6  ? -3.901  3.311   -2.809  1.00 0.00 ? 6  DC  A H5     1 
ATOM   188 H H6     . DC  A 1 6  ? -3.457  2.167   -4.940  1.00 0.00 ? 6  DC  A H6     1 
ATOM   189 P P      . DG  A 1 7  ? -1.303  -2.387  -8.611  1.00 0.00 ? 7  DG  A P      1 
ATOM   190 O OP1    . DG  A 1 7  ? -0.432  -2.719  -9.757  1.00 0.00 ? 7  DG  A OP1    1 
ATOM   191 O OP2    . DG  A 1 7  ? -2.766  -2.539  -8.775  1.00 0.00 ? 7  DG  A OP2    1 
ATOM   192 O "O5'"  . DG  A 1 7  ? -0.866  -3.304  -7.361  1.00 0.00 ? 7  DG  A "O5'"  1 
ATOM   193 C "C5'"  . DG  A 1 7  ? 0.498   -3.592  -7.041  1.00 0.00 ? 7  DG  A "C5'"  1 
ATOM   194 C "C4'"  . DG  A 1 7  ? 0.704   -4.933  -6.294  1.00 0.00 ? 7  DG  A "C4'"  1 
ATOM   195 O "O4'"  . DG  A 1 7  ? 0.297   -4.790  -4.947  1.00 0.00 ? 7  DG  A "O4'"  1 
ATOM   196 C "C3'"  . DG  A 1 7  ? -0.110  -6.118  -6.841  1.00 0.00 ? 7  DG  A "C3'"  1 
ATOM   197 O "O3'"  . DG  A 1 7  ? 0.396   -7.412  -6.510  1.00 0.00 ? 7  DG  A "O3'"  1 
ATOM   198 C "C2'"  . DG  A 1 7  ? -1.433  -5.940  -6.099  1.00 0.00 ? 7  DG  A "C2'"  1 
ATOM   199 C "C1'"  . DG  A 1 7  ? -1.058  -5.190  -4.806  1.00 0.00 ? 7  DG  A "C1'"  1 
ATOM   200 N N9     . DG  A 1 7  ? -1.968  -4.059  -4.444  1.00 0.00 ? 7  DG  A N9     1 
ATOM   201 C C8     . DG  A 1 7  ? -3.301  -3.891  -4.737  1.00 0.00 ? 7  DG  A C8     1 
ATOM   202 N N7     . DG  A 1 7  ? -3.889  -2.907  -4.105  1.00 0.00 ? 7  DG  A N7     1 
ATOM   203 C C5     . DG  A 1 7  ? -2.852  -2.347  -3.343  1.00 0.00 ? 7  DG  A C5     1 
ATOM   204 C C6     . DG  A 1 7  ? -2.815  -1.245  -2.409  1.00 0.00 ? 7  DG  A C6     1 
ATOM   205 O O6     . DG  A 1 7  ? -3.722  -0.501  -2.031  1.00 0.00 ? 7  DG  A O6     1 
ATOM   206 N N1     . DG  A 1 7  ? -1.569  -1.020  -1.856  1.00 0.00 ? 7  DG  A N1     1 
ATOM   207 C C2     . DG  A 1 7  ? -0.461  -1.760  -2.135  1.00 0.00 ? 7  DG  A C2     1 
ATOM   208 N N2     . DG  A 1 7  ? 0.651   -1.415  -1.497  1.00 0.00 ? 7  DG  A N2     1 
ATOM   209 N N3     . DG  A 1 7  ? -0.480  -2.798  -2.969  1.00 0.00 ? 7  DG  A N3     1 
ATOM   210 C C4     . DG  A 1 7  ? -1.682  -3.043  -3.555  1.00 0.00 ? 7  DG  A C4     1 
ATOM   211 H "H5'"  . DG  A 1 7  ? 0.899   -2.785  -6.424  1.00 0.00 ? 7  DG  A "H5'"  1 
ATOM   212 H "H5''" . DG  A 1 7  ? 1.081   -3.639  -7.961  1.00 0.00 ? 7  DG  A "H5''" 1 
ATOM   213 H "H4'"  . DG  A 1 7  ? 1.766   -5.182  -6.321  1.00 0.00 ? 7  DG  A "H4'"  1 
ATOM   214 H "H3'"  . DG  A 1 7  ? -0.243  -6.025  -7.921  1.00 0.00 ? 7  DG  A "H3'"  1 
ATOM   215 H "H2'"  . DG  A 1 7  ? -2.109  -5.354  -6.718  1.00 0.00 ? 7  DG  A "H2'"  1 
ATOM   216 H "H2''" . DG  A 1 7  ? -1.888  -6.905  -5.873  1.00 0.00 ? 7  DG  A "H2''" 1 
ATOM   217 H "H1'"  . DG  A 1 7  ? -1.085  -5.892  -3.978  1.00 0.00 ? 7  DG  A "H1'"  1 
ATOM   218 H H8     . DG  A 1 7  ? -3.820  -4.531  -5.432  1.00 0.00 ? 7  DG  A H8     1 
ATOM   219 H H1     . DG  A 1 7  ? -1.501  -0.328  -1.127  1.00 0.00 ? 7  DG  A H1     1 
ATOM   220 H H22    . DG  A 1 7  ? 0.589   -0.668  -0.818  1.00 0.00 ? 7  DG  A H22    1 
ATOM   221 P P      . DA  A 1 8  ? 1.606   -8.124  -7.304  1.00 0.00 ? 8  DA  A P      1 
ATOM   222 O OP1    . DA  A 1 8  ? 2.394   -7.104  -8.029  1.00 0.00 ? 8  DA  A OP1    1 
ATOM   223 O OP2    . DA  A 1 8  ? 1.039   -9.266  -8.058  1.00 0.00 ? 8  DA  A OP2    1 
ATOM   224 O "O5'"  . DA  A 1 8  ? 2.519   -8.718  -6.107  1.00 0.00 ? 8  DA  A "O5'"  1 
ATOM   225 C "C5'"  . DA  A 1 8  ? 3.439   -7.906  -5.379  1.00 0.00 ? 8  DA  A "C5'"  1 
ATOM   226 C "C4'"  . DA  A 1 8  ? 3.255   -7.977  -3.855  1.00 0.00 ? 8  DA  A "C4'"  1 
ATOM   227 O "O4'"  . DA  A 1 8  ? 2.036   -7.357  -3.489  1.00 0.00 ? 8  DA  A "O4'"  1 
ATOM   228 C "C3'"  . DA  A 1 8  ? 3.309   -9.377  -3.219  1.00 0.00 ? 8  DA  A "C3'"  1 
ATOM   229 O "O3'"  . DA  A 1 8  ? 4.509   -9.497  -2.451  1.00 0.00 ? 8  DA  A "O3'"  1 
ATOM   230 C "C2'"  . DA  A 1 8  ? 2.030   -9.403  -2.380  1.00 0.00 ? 8  DA  A "C2'"  1 
ATOM   231 C "C1'"  . DA  A 1 8  ? 1.573   -7.947  -2.297  1.00 0.00 ? 8  DA  A "C1'"  1 
ATOM   232 N N9     . DA  A 1 8  ? 0.102   -7.805  -2.244  1.00 0.00 ? 8  DA  A N9     1 
ATOM   233 C C8     . DA  A 1 8  ? -0.828  -8.237  -3.159  1.00 0.00 ? 8  DA  A C8     1 
ATOM   234 N N7     . DA  A 1 8  ? -2.068  -7.925  -2.866  1.00 0.00 ? 8  DA  A N7     1 
ATOM   235 C C5     . DA  A 1 8  ? -1.925  -7.228  -1.649  1.00 0.00 ? 8  DA  A C5     1 
ATOM   236 C C6     . DA  A 1 8  ? -2.806  -6.568  -0.758  1.00 0.00 ? 8  DA  A C6     1 
ATOM   237 N N6     . DA  A 1 8  ? -4.114  -6.486  -0.916  1.00 0.00 ? 8  DA  A N6     1 
ATOM   238 N N1     . DA  A 1 8  ? -2.364  -5.933  0.327   1.00 0.00 ? 8  DA  A N1     1 
ATOM   239 C C2     . DA  A 1 8  ? -1.055  -5.950  0.559   1.00 0.00 ? 8  DA  A C2     1 
ATOM   240 N N3     . DA  A 1 8  ? -0.111  -6.529  -0.170  1.00 0.00 ? 8  DA  A N3     1 
ATOM   241 C C4     . DA  A 1 8  ? -0.612  -7.148  -1.273  1.00 0.00 ? 8  DA  A C4     1 
ATOM   242 H "H5'"  . DA  A 1 8  ? 3.341   -6.861  -5.679  1.00 0.00 ? 8  DA  A "H5'"  1 
ATOM   243 H "H5''" . DA  A 1 8  ? 4.450   -8.227  -5.620  1.00 0.00 ? 8  DA  A "H5''" 1 
ATOM   244 H "H4'"  . DA  A 1 8  ? 4.055   -7.398  -3.399  1.00 0.00 ? 8  DA  A "H4'"  1 
ATOM   245 H "H3'"  . DA  A 1 8  ? 3.271   -10.153 -3.985  1.00 0.00 ? 8  DA  A "H3'"  1 
ATOM   246 H "H2'"  . DA  A 1 8  ? 1.285   -10.017 -2.883  1.00 0.00 ? 8  DA  A "H2'"  1 
ATOM   247 H "H2''" . DA  A 1 8  ? 2.214   -9.790  -1.387  1.00 0.00 ? 8  DA  A "H2''" 1 
ATOM   248 H "H1'"  . DA  A 1 8  ? 2.030   -7.460  -1.427  1.00 0.00 ? 8  DA  A "H1'"  1 
ATOM   249 H H8     . DA  A 1 8  ? -0.537  -8.754  -4.065  1.00 0.00 ? 8  DA  A H8     1 
ATOM   250 H H61    . DA  A 1 8  ? -4.529  -6.975  -1.684  1.00 0.00 ? 8  DA  A H61    1 
ATOM   251 H H62    . DA  A 1 8  ? -4.643  -5.931  -0.251  1.00 0.00 ? 8  DA  A H62    1 
ATOM   252 H H2     . DA  A 1 8  ? -0.721  -5.435  1.450   1.00 0.00 ? 8  DA  A H2     1 
ATOM   253 P P      . DG  A 1 9  ? 4.868   -10.754 -1.496  1.00 0.00 ? 9  DG  A P      1 
ATOM   254 O OP1    . DG  A 1 9  ? 6.340   -10.845 -1.385  1.00 0.00 ? 9  DG  A OP1    1 
ATOM   255 O OP2    . DG  A 1 9  ? 4.102   -11.936 -1.950  1.00 0.00 ? 9  DG  A OP2    1 
ATOM   256 O "O5'"  . DG  A 1 9  ? 4.281   -10.258 -0.078  1.00 0.00 ? 9  DG  A "O5'"  1 
ATOM   257 C "C5'"  . DG  A 1 9  ? 4.756   -9.056  0.525   1.00 0.00 ? 9  DG  A "C5'"  1 
ATOM   258 C "C4'"  . DG  A 1 9  ? 3.972   -8.649  1.784   1.00 0.00 ? 9  DG  A "C4'"  1 
ATOM   259 O "O4'"  . DG  A 1 9  ? 2.629   -8.337  1.429   1.00 0.00 ? 9  DG  A "O4'"  1 
ATOM   260 C "C3'"  . DG  A 1 9  ? 3.953   -9.732  2.873   1.00 0.00 ? 9  DG  A "C3'"  1 
ATOM   261 O "O3'"  . DG  A 1 9  ? 4.456   -9.229  4.105   1.00 0.00 ? 9  DG  A "O3'"  1 
ATOM   262 C "C2'"  . DG  A 1 9  ? 2.470   -10.069 2.963   1.00 0.00 ? 9  DG  A "C2'"  1 
ATOM   263 C "C1'"  . DG  A 1 9  ? 1.764   -8.822  2.441   1.00 0.00 ? 9  DG  A "C1'"  1 
ATOM   264 N N9     . DG  A 1 9  ? 0.434   -9.149  1.874   1.00 0.00 ? 9  DG  A N9     1 
ATOM   265 C C8     . DG  A 1 9  ? 0.170   -9.875  0.743   1.00 0.00 ? 9  DG  A C8     1 
ATOM   266 N N7     . DG  A 1 9  ? -1.098  -10.006 0.456   1.00 0.00 ? 9  DG  A N7     1 
ATOM   267 C C5     . DG  A 1 9  ? -1.734  -9.313  1.496   1.00 0.00 ? 9  DG  A C5     1 
ATOM   268 C C6     . DG  A 1 9  ? -3.129  -9.076  1.774   1.00 0.00 ? 9  DG  A C6     1 
ATOM   269 O O6     . DG  A 1 9  ? -4.127  -9.390  1.125   1.00 0.00 ? 9  DG  A O6     1 
ATOM   270 N N1     . DG  A 1 9  ? -3.345  -8.397  2.955   1.00 0.00 ? 9  DG  A N1     1 
ATOM   271 C C2     . DG  A 1 9  ? -2.357  -7.971  3.774   1.00 0.00 ? 9  DG  A C2     1 
ATOM   272 N N2     . DG  A 1 9  ? -2.718  -7.413  4.895   1.00 0.00 ? 9  DG  A N2     1 
ATOM   273 N N3     . DG  A 1 9  ? -1.059  -8.161  3.560   1.00 0.00 ? 9  DG  A N3     1 
ATOM   274 C C4     . DG  A 1 9  ? -0.803  -8.823  2.392   1.00 0.00 ? 9  DG  A C4     1 
ATOM   275 H "H5'"  . DG  A 1 9  ? 4.683   -8.240  -0.196  1.00 0.00 ? 9  DG  A "H5'"  1 
ATOM   276 H "H5''" . DG  A 1 9  ? 5.807   -9.181  0.789   1.00 0.00 ? 9  DG  A "H5''" 1 
ATOM   277 H "H4'"  . DG  A 1 9  ? 4.434   -7.755  2.206   1.00 0.00 ? 9  DG  A "H4'"  1 
ATOM   278 H "H3'"  . DG  A 1 9  ? 4.532   -10.603 2.557   1.00 0.00 ? 9  DG  A "H3'"  1 
ATOM   279 H "H2'"  . DG  A 1 9  ? 2.271   -10.925 2.320   1.00 0.00 ? 9  DG  A "H2'"  1 
ATOM   280 H "H2''" . DG  A 1 9  ? 2.170   -10.273 3.982   1.00 0.00 ? 9  DG  A "H2''" 1 
ATOM   281 H "H1'"  . DG  A 1 9  ? 1.666   -8.082  3.241   1.00 0.00 ? 9  DG  A "H1'"  1 
ATOM   282 H H8     . DG  A 1 9  ? 0.962   -10.300 0.150   1.00 0.00 ? 9  DG  A H8     1 
ATOM   283 H H1     . DG  A 1 9  ? -4.296  -8.167  3.188   1.00 0.00 ? 9  DG  A H1     1 
ATOM   284 H H21    . DG  A 1 9  ? -1.973  -7.057  5.464   1.00 0.00 ? 9  DG  A H21    1 
ATOM   285 H H22    . DG  A 1 9  ? -3.695  -7.240  5.109   1.00 0.00 ? 9  DG  A H22    1 
ATOM   286 P P      . DT  A 1 10 ? 4.712   -10.177 5.390   1.00 0.00 ? 10 DT  A P      1 
ATOM   287 O OP1    . DT  A 1 10 ? 5.766   -9.562  6.224   1.00 0.00 ? 10 DT  A OP1    1 
ATOM   288 O OP2    . DT  A 1 10 ? 4.877   -11.572 4.924   1.00 0.00 ? 10 DT  A OP2    1 
ATOM   289 O "O5'"  . DT  A 1 10 ? 3.317   -10.099 6.195   1.00 0.00 ? 10 DT  A "O5'"  1 
ATOM   290 C "C5'"  . DT  A 1 10 ? 2.896   -8.892  6.823   1.00 0.00 ? 10 DT  A "C5'"  1 
ATOM   291 C "C4'"  . DT  A 1 10 ? 1.537   -9.040  7.525   1.00 0.00 ? 10 DT  A "C4'"  1 
ATOM   292 O "O4'"  . DT  A 1 10 ? 0.509   -9.160  6.544   1.00 0.00 ? 10 DT  A "O4'"  1 
ATOM   293 C "C3'"  . DT  A 1 10 ? 1.464   -10.259 8.464   1.00 0.00 ? 10 DT  A "C3'"  1 
ATOM   294 O "O3'"  . DT  A 1 10 ? 1.062   -9.908  9.787   1.00 0.00 ? 10 DT  A "O3'"  1 
ATOM   295 C "C2'"  . DT  A 1 10 ? 0.415   -11.119 7.772   1.00 0.00 ? 10 DT  A "C2'"  1 
ATOM   296 C "C1'"  . DT  A 1 10 ? -0.429  -10.115 6.988   1.00 0.00 ? 10 DT  A "C1'"  1 
ATOM   297 N N1     . DT  A 1 10 ? -1.139  -10.743 5.837   1.00 0.00 ? 10 DT  A N1     1 
ATOM   298 C C2     . DT  A 1 10 ? -2.541  -10.731 5.819   1.00 0.00 ? 10 DT  A C2     1 
ATOM   299 O O2     . DT  A 1 10 ? -3.237  -10.297 6.729   1.00 0.00 ? 10 DT  A O2     1 
ATOM   300 N N3     . DT  A 1 10 ? -3.149  -11.317 4.731   1.00 0.00 ? 10 DT  A N3     1 
ATOM   301 C C4     . DT  A 1 10 ? -2.513  -11.986 3.716   1.00 0.00 ? 10 DT  A C4     1 
ATOM   302 O O4     . DT  A 1 10 ? -3.192  -12.520 2.847   1.00 0.00 ? 10 DT  A O4     1 
ATOM   303 C C5     . DT  A 1 10 ? -1.055  -12.024 3.825   1.00 0.00 ? 10 DT  A C5     1 
ATOM   304 C C7     . DT  A 1 10 ? -0.232  -12.771 2.791   1.00 0.00 ? 10 DT  A C7     1 
ATOM   305 C C6     . DT  A 1 10 ? -0.426  -11.397 4.854   1.00 0.00 ? 10 DT  A C6     1 
ATOM   306 H "H5'"  . DT  A 1 10 ? 2.826   -8.101  6.076   1.00 0.00 ? 10 DT  A "H5'"  1 
ATOM   307 H "H5''" . DT  A 1 10 ? 3.642   -8.599  7.564   1.00 0.00 ? 10 DT  A "H5''" 1 
ATOM   308 H "H4'"  . DT  A 1 10 ? 1.348   -8.141  8.113   1.00 0.00 ? 10 DT  A "H4'"  1 
ATOM   309 H "H3'"  . DT  A 1 10 ? 2.426   -10.779 8.489   1.00 0.00 ? 10 DT  A "H3'"  1 
ATOM   310 H "H2'"  . DT  A 1 10 ? 0.923   -11.819 7.112   1.00 0.00 ? 10 DT  A "H2'"  1 
ATOM   311 H "H2''" . DT  A 1 10 ? -0.196  -11.650 8.488   1.00 0.00 ? 10 DT  A "H2''" 1 
ATOM   312 H "H1'"  . DT  A 1 10 ? -1.140  -9.636  7.668   1.00 0.00 ? 10 DT  A "H1'"  1 
ATOM   313 H H3     . DT  A 1 10 ? -4.156  -11.245 4.677   1.00 0.00 ? 10 DT  A H3     1 
ATOM   314 H H71    . DT  A 1 10 ? -0.517  -13.822 2.793   1.00 0.00 ? 10 DT  A H71    1 
ATOM   315 H H72    . DT  A 1 10 ? -0.453  -12.369 1.803   1.00 0.00 ? 10 DT  A H72    1 
ATOM   316 H H73    . DT  A 1 10 ? 0.835   -12.678 2.992   1.00 0.00 ? 10 DT  A H73    1 
ATOM   317 H H6     . DT  A 1 10 ? 0.652   -11.389 4.919   1.00 0.00 ? 10 DT  A H6     1 
ATOM   318 P P      . DC  A 1 11 ? 1.037   -10.987 10.995  1.00 0.00 ? 11 DC  A P      1 
ATOM   319 O OP1    . DC  A 1 11 ? 1.315   -10.292 12.271  1.00 0.00 ? 11 DC  A OP1    1 
ATOM   320 O OP2    . DC  A 1 11 ? 1.845   -12.165 10.612  1.00 0.00 ? 11 DC  A OP2    1 
ATOM   321 O "O5'"  . DC  A 1 11 ? -0.502  -11.474 11.028  1.00 0.00 ? 11 DC  A "O5'"  1 
ATOM   322 C "C5'"  . DC  A 1 11 ? -1.533  -10.602 11.469  1.00 0.00 ? 11 DC  A "C5'"  1 
ATOM   323 C "C4'"  . DC  A 1 11 ? -2.912  -11.277 11.519  1.00 0.00 ? 11 DC  A "C4'"  1 
ATOM   324 O "O4'"  . DC  A 1 11 ? -3.377  -11.532 10.195  1.00 0.00 ? 11 DC  A "O4'"  1 
ATOM   325 C "C3'"  . DC  A 1 11 ? -2.943  -12.589 12.317  1.00 0.00 ? 11 DC  A "C3'"  1 
ATOM   326 O "O3'"  . DC  A 1 11 ? -3.988  -12.544 13.287  1.00 0.00 ? 11 DC  A "O3'"  1 
ATOM   327 C "C2'"  . DC  A 1 11 ? -3.165  -13.623 11.213  1.00 0.00 ? 11 DC  A "C2'"  1 
ATOM   328 C "C1'"  . DC  A 1 11 ? -3.879  -12.849 10.095  1.00 0.00 ? 11 DC  A "C1'"  1 
ATOM   329 N N1     . DC  A 1 11 ? -3.602  -13.369 8.724   1.00 0.00 ? 11 DC  A N1     1 
ATOM   330 C C2     . DC  A 1 11 ? -4.652  -13.758 7.878   1.00 0.00 ? 11 DC  A C2     1 
ATOM   331 O O2     . DC  A 1 11 ? -5.833  -13.693 8.216   1.00 0.00 ? 11 DC  A O2     1 
ATOM   332 N N3     . DC  A 1 11 ? -4.398  -14.290 6.656   1.00 0.00 ? 11 DC  A N3     1 
ATOM   333 C C4     . DC  A 1 11 ? -3.151  -14.382 6.256   1.00 0.00 ? 11 DC  A C4     1 
ATOM   334 N N4     . DC  A 1 11 ? -2.952  -14.904 5.081   1.00 0.00 ? 11 DC  A N4     1 
ATOM   335 C C5     . DC  A 1 11 ? -2.042  -14.006 7.060   1.00 0.00 ? 11 DC  A C5     1 
ATOM   336 C C6     . DC  A 1 11 ? -2.307  -13.492 8.287   1.00 0.00 ? 11 DC  A C6     1 
ATOM   337 H "H5'"  . DC  A 1 11 ? -1.587  -9.736  10.807  1.00 0.00 ? 11 DC  A "H5'"  1 
ATOM   338 H "H5''" . DC  A 1 11 ? -1.285  -10.247 12.470  1.00 0.00 ? 11 DC  A "H5''" 1 
ATOM   339 H "H4'"  . DC  A 1 11 ? -3.607  -10.583 11.991  1.00 0.00 ? 11 DC  A "H4'"  1 
ATOM   340 H "H3'"  . DC  A 1 11 ? -1.987  -12.763 12.815  1.00 0.00 ? 11 DC  A "H3'"  1 
ATOM   341 H "H2'"  . DC  A 1 11 ? -2.190  -13.982 10.890  1.00 0.00 ? 11 DC  A "H2'"  1 
ATOM   342 H "H2''" . DC  A 1 11 ? -3.755  -14.461 11.562  1.00 0.00 ? 11 DC  A "H2''" 1 
ATOM   343 H "H1'"  . DC  A 1 11 ? -4.956  -12.834 10.299  1.00 0.00 ? 11 DC  A "H1'"  1 
ATOM   344 H H41    . DC  A 1 11 ? -2.058  -14.810 4.652   1.00 0.00 ? 11 DC  A H41    1 
ATOM   345 H H42    . DC  A 1 11 ? -3.774  -15.087 4.505   1.00 0.00 ? 11 DC  A H42    1 
ATOM   346 H H5     . DC  A 1 11 ? -1.023  -14.096 6.724   1.00 0.00 ? 11 DC  A H5     1 
ATOM   347 H H6     . DC  A 1 11 ? -1.511  -13.163 8.946   1.00 0.00 ? 11 DC  A H6     1 
ATOM   348 P P      . DC  A 1 12 ? -4.318  -13.773 14.280  1.00 0.00 ? 12 DC  A P      1 
ATOM   349 O OP1    . DC  A 1 12 ? -4.941  -13.268 15.522  1.00 0.00 ? 12 DC  A OP1    1 
ATOM   350 O OP2    . DC  A 1 12 ? -3.163  -14.689 14.345  1.00 0.00 ? 12 DC  A OP2    1 
ATOM   351 O "O5'"  . DC  A 1 12 ? -5.466  -14.510 13.444  1.00 0.00 ? 12 DC  A "O5'"  1 
ATOM   352 C "C5'"  . DC  A 1 12 ? -6.693  -13.858 13.161  1.00 0.00 ? 12 DC  A "C5'"  1 
ATOM   353 C "C4'"  . DC  A 1 12 ? -7.583  -14.727 12.269  1.00 0.00 ? 12 DC  A "C4'"  1 
ATOM   354 O "O4'"  . DC  A 1 12 ? -7.079  -14.766 10.954  1.00 0.00 ? 12 DC  A "O4'"  1 
ATOM   355 C "C3'"  . DC  A 1 12 ? -7.661  -16.190 12.709  1.00 0.00 ? 12 DC  A "C3'"  1 
ATOM   356 O "O3'"  . DC  A 1 12 ? -8.621  -16.399 13.733  1.00 0.00 ? 12 DC  A "O3'"  1 
ATOM   357 C "C2'"  . DC  A 1 12 ? -8.039  -16.891 11.410  1.00 0.00 ? 12 DC  A "C2'"  1 
ATOM   358 C "C1'"  . DC  A 1 12 ? -7.585  -15.918 10.308  1.00 0.00 ? 12 DC  A "C1'"  1 
ATOM   359 N N1     . DC  A 1 12 ? -6.542  -16.499 9.423   1.00 0.00 ? 12 DC  A N1     1 
ATOM   360 C C2     . DC  A 1 12 ? -6.941  -17.077 8.212   1.00 0.00 ? 12 DC  A C2     1 
ATOM   361 O O2     . DC  A 1 12 ? -8.130  -17.176 7.916   1.00 0.00 ? 12 DC  A O2     1 
ATOM   362 N N3     . DC  A 1 12 ? -6.030  -17.579 7.352   1.00 0.00 ? 12 DC  A N3     1 
ATOM   363 C C4     . DC  A 1 12 ? -4.756  -17.472 7.651   1.00 0.00 ? 12 DC  A C4     1 
ATOM   364 N N4     . DC  A 1 12 ? -3.935  -17.930 6.759   1.00 0.00 ? 12 DC  A N4     1 
ATOM   365 C C5     . DC  A 1 12 ? -4.280  -16.946 8.885   1.00 0.00 ? 12 DC  A C5     1 
ATOM   366 C C6     . DC  A 1 12 ? -5.208  -16.468 9.753   1.00 0.00 ? 12 DC  A C6     1 
ATOM   367 H "H5'"  . DC  A 1 12 ? -6.497  -12.914 12.648  1.00 0.00 ? 12 DC  A "H5'"  1 
ATOM   368 H "H5''" . DC  A 1 12 ? -7.208  -13.644 14.100  1.00 0.00 ? 12 DC  A "H5''" 1 
ATOM   369 H "H4'"  . DC  A 1 12 ? -8.587  -14.301 12.240  1.00 0.00 ? 12 DC  A "H4'"  1 
ATOM   370 H "H3'"  . DC  A 1 12 ? -6.673  -16.530 13.025  1.00 0.00 ? 12 DC  A "H3'"  1 
ATOM   371 H "HO3'" . DC  A 1 12 ? -8.279  -15.964 14.524  1.00 0.00 ? 12 DC  A "HO3'" 1 
ATOM   372 H "H2'"  . DC  A 1 12 ? -7.527  -17.850 11.339  1.00 0.00 ? 12 DC  A "H2'"  1 
ATOM   373 H "H2''" . DC  A 1 12 ? -9.117  -17.037 11.349  1.00 0.00 ? 12 DC  A "H2''" 1 
ATOM   374 H "H1'"  . DC  A 1 12 ? -8.448  -15.627 9.697   1.00 0.00 ? 12 DC  A "H1'"  1 
ATOM   375 H H41    . DC  A 1 12 ? -2.983  -17.648 6.801   1.00 0.00 ? 12 DC  A H41    1 
ATOM   376 H H42    . DC  A 1 12 ? -4.352  -18.227 5.879   1.00 0.00 ? 12 DC  A H42    1 
ATOM   377 H H5     . DC  A 1 12 ? -3.232  -16.885 9.128   1.00 0.00 ? 12 DC  A H5     1 
ATOM   378 H H6     . DC  A 1 12 ? -4.923  -16.024 10.699  1.00 0.00 ? 12 DC  A H6     1 
ATOM   379 O "O5'"  . DG  B 2 1  ? -8.869  -22.113 -1.819  1.00 0.00 ? 13 DG  B "O5'"  1 
ATOM   380 C "C5'"  . DG  B 2 1  ? -9.236  -20.831 -2.299  1.00 0.00 ? 13 DG  B "C5'"  1 
ATOM   381 C "C4'"  . DG  B 2 1  ? -10.351 -20.259 -1.414  1.00 0.00 ? 13 DG  B "C4'"  1 
ATOM   382 O "O4'"  . DG  B 2 1  ? -9.909  -20.241 -0.059  1.00 0.00 ? 13 DG  B "O4'"  1 
ATOM   383 C "C3'"  . DG  B 2 1  ? -10.700 -18.822 -1.789  1.00 0.00 ? 13 DG  B "C3'"  1 
ATOM   384 O "O3'"  . DG  B 2 1  ? -12.077 -18.634 -1.521  1.00 0.00 ? 13 DG  B "O3'"  1 
ATOM   385 C "C2'"  . DG  B 2 1  ? -9.785  -18.004 -0.879  1.00 0.00 ? 13 DG  B "C2'"  1 
ATOM   386 C "C1'"  . DG  B 2 1  ? -9.645  -18.899 0.351   1.00 0.00 ? 13 DG  B "C1'"  1 
ATOM   387 N N9     . DG  B 2 1  ? -8.304  -18.847 0.982   1.00 0.00 ? 13 DG  B N9     1 
ATOM   388 C C8     . DG  B 2 1  ? -7.102  -19.270 0.472   1.00 0.00 ? 13 DG  B C8     1 
ATOM   389 N N7     . DG  B 2 1  ? -6.138  -19.346 1.349   1.00 0.00 ? 13 DG  B N7     1 
ATOM   390 C C5     . DG  B 2 1  ? -6.723  -18.834 2.522   1.00 0.00 ? 13 DG  B C5     1 
ATOM   391 C C6     . DG  B 2 1  ? -6.213  -18.647 3.858   1.00 0.00 ? 13 DG  B C6     1 
ATOM   392 O O6     . DG  B 2 1  ? -5.109  -18.929 4.332   1.00 0.00 ? 13 DG  B O6     1 
ATOM   393 N N1     . DG  B 2 1  ? -7.144  -18.125 4.730   1.00 0.00 ? 13 DG  B N1     1 
ATOM   394 C C2     . DG  B 2 1  ? -8.407  -17.800 4.382   1.00 0.00 ? 13 DG  B C2     1 
ATOM   395 N N2     . DG  B 2 1  ? -9.169  -17.278 5.298   1.00 0.00 ? 13 DG  B N2     1 
ATOM   396 N N3     . DG  B 2 1  ? -8.947  -18.014 3.191   1.00 0.00 ? 13 DG  B N3     1 
ATOM   397 C C4     . DG  B 2 1  ? -8.048  -18.514 2.291   1.00 0.00 ? 13 DG  B C4     1 
ATOM   398 H "H5'"  . DG  B 2 1  ? -9.595  -20.905 -3.327  1.00 0.00 ? 13 DG  B "H5'"  1 
ATOM   399 H "H5''" . DG  B 2 1  ? -8.373  -20.165 -2.277  1.00 0.00 ? 13 DG  B "H5''" 1 
ATOM   400 H "H4'"  . DG  B 2 1  ? -11.243 -20.880 -1.512  1.00 0.00 ? 13 DG  B "H4'"  1 
ATOM   401 H "H3'"  . DG  B 2 1  ? -10.492 -18.628 -2.845  1.00 0.00 ? 13 DG  B "H3'"  1 
ATOM   402 H "H2'"  . DG  B 2 1  ? -8.824  -17.840 -1.366  1.00 0.00 ? 13 DG  B "H2'"  1 
ATOM   403 H "H2''" . DG  B 2 1  ? -10.239 -17.049 -0.616  1.00 0.00 ? 13 DG  B "H2''" 1 
ATOM   404 H "H1'"  . DG  B 2 1  ? -10.397 -18.582 1.082   1.00 0.00 ? 13 DG  B "H1'"  1 
ATOM   405 H H8     . DG  B 2 1  ? -6.980  -19.566 -0.556  1.00 0.00 ? 13 DG  B H8     1 
ATOM   406 H H1     . DG  B 2 1  ? -6.823  -17.908 5.658   1.00 0.00 ? 13 DG  B H1     1 
ATOM   407 H H21    . DG  B 2 1  ? -10.039 -16.893 4.984   1.00 0.00 ? 13 DG  B H21    1 
ATOM   408 H H22    . DG  B 2 1  ? -8.807  -17.104 6.231   1.00 0.00 ? 13 DG  B H22    1 
ATOM   409 H "HO5'" . DG  B 2 1  ? -8.859  -22.041 -0.854  1.00 0.00 ? 13 DG  B "HO5'" 1 
ATOM   410 P P      . DG  B 2 2  ? -12.879 -17.372 -2.104  1.00 0.00 ? 14 DG  B P      1 
ATOM   411 O OP1    . DG  B 2 2  ? -14.307 -17.745 -2.132  1.00 0.00 ? 14 DG  B OP1    1 
ATOM   412 O OP2    . DG  B 2 2  ? -12.199 -16.958 -3.351  1.00 0.00 ? 14 DG  B OP2    1 
ATOM   413 O "O5'"  . DG  B 2 2  ? -12.637 -16.274 -0.954  1.00 0.00 ? 14 DG  B "O5'"  1 
ATOM   414 C "C5'"  . DG  B 2 2  ? -13.326 -16.371 0.286   1.00 0.00 ? 14 DG  B "C5'"  1 
ATOM   415 C "C4'"  . DG  B 2 2  ? -12.914 -15.319 1.328   1.00 0.00 ? 14 DG  B "C4'"  1 
ATOM   416 O "O4'"  . DG  B 2 2  ? -11.613 -15.587 1.841   1.00 0.00 ? 14 DG  B "O4'"  1 
ATOM   417 C "C3'"  . DG  B 2 2  ? -12.949 -13.869 0.827   1.00 0.00 ? 14 DG  B "C3'"  1 
ATOM   418 O "O3'"  . DG  B 2 2  ? -13.730 -13.112 1.745   1.00 0.00 ? 14 DG  B "O3'"  1 
ATOM   419 C "C2'"  . DG  B 2 2  ? -11.470 -13.490 0.845   1.00 0.00 ? 14 DG  B "C2'"  1 
ATOM   420 C "C1'"  . DG  B 2 2  ? -10.933 -14.348 1.988   1.00 0.00 ? 14 DG  B "C1'"  1 
ATOM   421 N N9     . DG  B 2 2  ? -9.468  -14.573 1.950   1.00 0.00 ? 14 DG  B N9     1 
ATOM   422 C C8     . DG  B 2 2  ? -8.705  -15.020 0.900   1.00 0.00 ? 14 DG  B C8     1 
ATOM   423 N N7     . DG  B 2 2  ? -7.465  -15.292 1.206   1.00 0.00 ? 14 DG  B N7     1 
ATOM   424 C C5     . DG  B 2 2  ? -7.382  -14.943 2.565   1.00 0.00 ? 14 DG  B C5     1 
ATOM   425 C C6     . DG  B 2 2  ? -6.306  -15.035 3.521   1.00 0.00 ? 14 DG  B C6     1 
ATOM   426 O O6     . DG  B 2 2  ? -5.179  -15.514 3.403   1.00 0.00 ? 14 DG  B O6     1 
ATOM   427 N N1     . DG  B 2 2  ? -6.631  -14.549 4.768   1.00 0.00 ? 14 DG  B N1     1 
ATOM   428 C C2     . DG  B 2 2  ? -7.842  -14.048 5.088   1.00 0.00 ? 14 DG  B C2     1 
ATOM   429 N N2     . DG  B 2 2  ? -7.979  -13.561 6.291   1.00 0.00 ? 14 DG  B N2     1 
ATOM   430 N N3     . DG  B 2 2  ? -8.894  -14.018 4.276   1.00 0.00 ? 14 DG  B N3     1 
ATOM   431 C C4     . DG  B 2 2  ? -8.598  -14.467 3.015   1.00 0.00 ? 14 DG  B C4     1 
ATOM   432 H "H5'"  . DG  B 2 2  ? -13.154 -17.359 0.715   1.00 0.00 ? 14 DG  B "H5'"  1 
ATOM   433 H "H5''" . DG  B 2 2  ? -14.395 -16.262 0.096   1.00 0.00 ? 14 DG  B "H5''" 1 
ATOM   434 H "H4'"  . DG  B 2 2  ? -13.616 -15.389 2.158   1.00 0.00 ? 14 DG  B "H4'"  1 
ATOM   435 H "H3'"  . DG  B 2 2  ? -13.363 -13.801 -0.184  1.00 0.00 ? 14 DG  B "H3'"  1 
ATOM   436 H "H2'"  . DG  B 2 2  ? -11.020 -13.778 -0.104  1.00 0.00 ? 14 DG  B "H2'"  1 
ATOM   437 H "H2''" . DG  B 2 2  ? -11.322 -12.428 1.026   1.00 0.00 ? 14 DG  B "H2''" 1 
ATOM   438 H "H1'"  . DG  B 2 2  ? -11.205 -13.876 2.937   1.00 0.00 ? 14 DG  B "H1'"  1 
ATOM   439 H H8     . DG  B 2 2  ? -9.120  -15.170 -0.084  1.00 0.00 ? 14 DG  B H8     1 
ATOM   440 H H1     . DG  B 2 2  ? -5.886  -14.482 5.440   1.00 0.00 ? 14 DG  B H1     1 
ATOM   441 H H21    . DG  B 2 2  ? -8.811  -13.031 6.459   1.00 0.00 ? 14 DG  B H21    1 
ATOM   442 H H22    . DG  B 2 2  ? -7.187  -13.529 6.929   1.00 0.00 ? 14 DG  B H22    1 
ATOM   443 P P      . DA  B 2 3  ? -14.241 -11.619 1.428   1.00 0.00 ? 15 DA  B P      1 
ATOM   444 O OP1    . DA  B 2 3  ? -15.700 -11.581 1.660   1.00 0.00 ? 15 DA  B OP1    1 
ATOM   445 O OP2    . DA  B 2 3  ? -13.683 -11.185 0.133   1.00 0.00 ? 15 DA  B OP2    1 
ATOM   446 O "O5'"  . DA  B 2 3  ? -13.510 -10.791 2.606   1.00 0.00 ? 15 DA  B "O5'"  1 
ATOM   447 C "C5'"  . DA  B 2 3  ? -13.930 -10.947 3.956   1.00 0.00 ? 15 DA  B "C5'"  1 
ATOM   448 C "C4'"  . DA  B 2 3  ? -13.165 -10.093 4.980   1.00 0.00 ? 15 DA  B "C4'"  1 
ATOM   449 O "O4'"  . DA  B 2 3  ? -11.817 -10.534 5.105   1.00 0.00 ? 15 DA  B "O4'"  1 
ATOM   450 C "C3'"  . DA  B 2 3  ? -13.168 -8.591  4.682   1.00 0.00 ? 15 DA  B "C3'"  1 
ATOM   451 O "O3'"  . DA  B 2 3  ? -13.381 -7.886  5.902   1.00 0.00 ? 15 DA  B "O3'"  1 
ATOM   452 C "C2'"  . DA  B 2 3  ? -11.785 -8.391  4.074   1.00 0.00 ? 15 DA  B "C2'"  1 
ATOM   453 C "C1'"  . DA  B 2 3  ? -10.935 -9.495  4.711   1.00 0.00 ? 15 DA  B "C1'"  1 
ATOM   454 N N9     . DA  B 2 3  ? -9.913  -10.057 3.796   1.00 0.00 ? 15 DA  B N9     1 
ATOM   455 C C8     . DA  B 2 3  ? -10.049 -10.447 2.484   1.00 0.00 ? 15 DA  B C8     1 
ATOM   456 N N7     . DA  B 2 3  ? -8.958  -10.928 1.944   1.00 0.00 ? 15 DA  B N7     1 
ATOM   457 C C5     . DA  B 2 3  ? -8.029  -10.855 2.997   1.00 0.00 ? 15 DA  B C5     1 
ATOM   458 C C6     . DA  B 2 3  ? -6.671  -11.221 3.169   1.00 0.00 ? 15 DA  B C6     1 
ATOM   459 N N6     . DA  B 2 3  ? -5.922  -11.795 2.247   1.00 0.00 ? 15 DA  B N6     1 
ATOM   460 N N1     . DA  B 2 3  ? -6.045  -11.038 4.331   1.00 0.00 ? 15 DA  B N1     1 
ATOM   461 C C2     . DA  B 2 3  ? -6.728  -10.478 5.320   1.00 0.00 ? 15 DA  B C2     1 
ATOM   462 N N3     . DA  B 2 3  ? -8.001  -10.100 5.324   1.00 0.00 ? 15 DA  B N3     1 
ATOM   463 C C4     . DA  B 2 3  ? -8.600  -10.320 4.121   1.00 0.00 ? 15 DA  B C4     1 
ATOM   464 H "H5'"  . DA  B 2 3  ? -13.828 -11.993 4.243   1.00 0.00 ? 15 DA  B "H5'"  1 
ATOM   465 H "H5''" . DA  B 2 3  ? -14.987 -10.683 4.020   1.00 0.00 ? 15 DA  B "H5''" 1 
ATOM   466 H "H4'"  . DA  B 2 3  ? -13.649 -10.231 5.946   1.00 0.00 ? 15 DA  B "H4'"  1 
ATOM   467 H "H3'"  . DA  B 2 3  ? -13.948 -8.336  3.962   1.00 0.00 ? 15 DA  B "H3'"  1 
ATOM   468 H "H2'"  . DA  B 2 3  ? -11.857 -8.516  2.995   1.00 0.00 ? 15 DA  B "H2'"  1 
ATOM   469 H "H2''" . DA  B 2 3  ? -11.389 -7.408  4.306   1.00 0.00 ? 15 DA  B "H2''" 1 
ATOM   470 H "H1'"  . DA  B 2 3  ? -10.438 -9.087  5.598   1.00 0.00 ? 15 DA  B "H1'"  1 
ATOM   471 H H8     . DA  B 2 3  ? -10.989 -10.368 1.952   1.00 0.00 ? 15 DA  B H8     1 
ATOM   472 H H61    . DA  B 2 3  ? -6.281  -11.888 1.318   1.00 0.00 ? 15 DA  B H61    1 
ATOM   473 H H62    . DA  B 2 3  ? -4.940  -11.966 2.452   1.00 0.00 ? 15 DA  B H62    1 
ATOM   474 H H2     . DA  B 2 3  ? -6.180  -10.324 6.242   1.00 0.00 ? 15 DA  B H2     1 
ATOM   475 P P      . DC  B 2 4  ? -13.538 -6.283  5.975   1.00 0.00 ? 16 DC  B P      1 
ATOM   476 O OP1    . DC  B 2 4  ? -14.341 -5.960  7.174   1.00 0.00 ? 16 DC  B OP1    1 
ATOM   477 O OP2    . DC  B 2 4  ? -13.966 -5.794  4.647   1.00 0.00 ? 16 DC  B OP2    1 
ATOM   478 O "O5'"  . DC  B 2 4  ? -12.018 -5.832  6.237   1.00 0.00 ? 16 DC  B "O5'"  1 
ATOM   479 C "C5'"  . DC  B 2 4  ? -11.378 -6.156  7.464   1.00 0.00 ? 16 DC  B "C5'"  1 
ATOM   480 C "C4'"  . DC  B 2 4  ? -9.875  -5.851  7.470   1.00 0.00 ? 16 DC  B "C4'"  1 
ATOM   481 O "O4'"  . DC  B 2 4  ? -9.191  -6.655  6.519   1.00 0.00 ? 16 DC  B "O4'"  1 
ATOM   482 C "C3'"  . DC  B 2 4  ? -9.521  -4.381  7.220   1.00 0.00 ? 16 DC  B "C3'"  1 
ATOM   483 O "O3'"  . DC  B 2 4  ? -8.947  -3.859  8.412   1.00 0.00 ? 16 DC  B "O3'"  1 
ATOM   484 C "C2'"  . DC  B 2 4  ? -8.540  -4.468  6.049   1.00 0.00 ? 16 DC  B "C2'"  1 
ATOM   485 C "C1'"  . DC  B 2 4  ? -8.073  -5.926  6.048   1.00 0.00 ? 16 DC  B "C1'"  1 
ATOM   486 N N1     . DC  B 2 4  ? -7.702  -6.433  4.698   1.00 0.00 ? 16 DC  B N1     1 
ATOM   487 C C2     . DC  B 2 4  ? -6.404  -6.907  4.457   1.00 0.00 ? 16 DC  B C2     1 
ATOM   488 O O2     . DC  B 2 4  ? -5.512  -6.827  5.296   1.00 0.00 ? 16 DC  B O2     1 
ATOM   489 N N3     . DC  B 2 4  ? -6.091  -7.465  3.264   1.00 0.00 ? 16 DC  B N3     1 
ATOM   490 C C4     . DC  B 2 4  ? -7.018  -7.551  2.338   1.00 0.00 ? 16 DC  B C4     1 
ATOM   491 N N4     . DC  B 2 4  ? -6.682  -8.169  1.246   1.00 0.00 ? 16 DC  B N4     1 
ATOM   492 C C5     . DC  B 2 4  ? -8.343  -7.069  2.508   1.00 0.00 ? 16 DC  B C5     1 
ATOM   493 C C6     . DC  B 2 4  ? -8.649  -6.511  3.707   1.00 0.00 ? 16 DC  B C6     1 
ATOM   494 H "H5'"  . DC  B 2 4  ? -11.509 -7.220  7.662   1.00 0.00 ? 16 DC  B "H5'"  1 
ATOM   495 H "H5''" . DC  B 2 4  ? -11.856 -5.593  8.269   1.00 0.00 ? 16 DC  B "H5''" 1 
ATOM   496 H "H4'"  . DC  B 2 4  ? -9.490  -6.114  8.456   1.00 0.00 ? 16 DC  B "H4'"  1 
ATOM   497 H "H3'"  . DC  B 2 4  ? -10.408 -3.807  6.940   1.00 0.00 ? 16 DC  B "H3'"  1 
ATOM   498 H "H2'"  . DC  B 2 4  ? -9.070  -4.221  5.133   1.00 0.00 ? 16 DC  B "H2'"  1 
ATOM   499 H "H2''" . DC  B 2 4  ? -7.697  -3.800  6.178   1.00 0.00 ? 16 DC  B "H2''" 1 
ATOM   500 H "H1'"  . DC  B 2 4  ? -7.231  -6.029  6.744   1.00 0.00 ? 16 DC  B "H1'"  1 
ATOM   501 H H41    . DC  B 2 4  ? -7.371  -8.381  0.558   1.00 0.00 ? 16 DC  B H41    1 
ATOM   502 H H42    . DC  B 2 4  ? -5.735  -8.542  1.203   1.00 0.00 ? 16 DC  B H42    1 
ATOM   503 H H5     . DC  B 2 4  ? -9.089  -7.148  1.738   1.00 0.00 ? 16 DC  B H5     1 
ATOM   504 H H6     . DC  B 2 4  ? -9.644  -6.137  3.914   1.00 0.00 ? 16 DC  B H6     1 
ATOM   505 P P      . DT  B 2 5  ? -8.510  -2.317  8.581   1.00 0.00 ? 17 DT  B P      1 
ATOM   506 O OP1    . DT  B 2 5  ? -8.525  -1.997  10.025  1.00 0.00 ? 17 DT  B OP1    1 
ATOM   507 O OP2    . DT  B 2 5  ? -9.305  -1.499  7.641   1.00 0.00 ? 17 DT  B OP2    1 
ATOM   508 O "O5'"  . DT  B 2 5  ? -6.981  -2.363  8.078   1.00 0.00 ? 17 DT  B "O5'"  1 
ATOM   509 C "C5'"  . DT  B 2 5  ? -6.018  -3.148  8.774   1.00 0.00 ? 17 DT  B "C5'"  1 
ATOM   510 C "C4'"  . DT  B 2 5  ? -4.696  -3.297  8.011   1.00 0.00 ? 17 DT  B "C4'"  1 
ATOM   511 O "O4'"  . DT  B 2 5  ? -4.914  -3.966  6.777   1.00 0.00 ? 17 DT  B "O4'"  1 
ATOM   512 C "C3'"  . DT  B 2 5  ? -3.976  -1.975  7.715   1.00 0.00 ? 17 DT  B "C3'"  1 
ATOM   513 O "O3'"  . DT  B 2 5  ? -2.751  -1.924  8.435   1.00 0.00 ? 17 DT  B "O3'"  1 
ATOM   514 C "C2'"  . DT  B 2 5  ? -3.764  -2.028  6.201   1.00 0.00 ? 17 DT  B "C2'"  1 
ATOM   515 C "C1'"  . DT  B 2 5  ? -3.947  -3.502  5.856   1.00 0.00 ? 17 DT  B "C1'"  1 
ATOM   516 N N1     . DT  B 2 5  ? -4.423  -3.713  4.463   1.00 0.00 ? 17 DT  B N1     1 
ATOM   517 C C2     . DT  B 2 5  ? -3.554  -4.314  3.548   1.00 0.00 ? 17 DT  B C2     1 
ATOM   518 O O2     . DT  B 2 5  ? -2.379  -4.551  3.785   1.00 0.00 ? 17 DT  B O2     1 
ATOM   519 N N3     . DT  B 2 5  ? -4.070  -4.610  2.308   1.00 0.00 ? 17 DT  B N3     1 
ATOM   520 C C4     . DT  B 2 5  ? -5.342  -4.316  1.875   1.00 0.00 ? 17 DT  B C4     1 
ATOM   521 O O4     . DT  B 2 5  ? -5.684  -4.658  0.744   1.00 0.00 ? 17 DT  B O4     1 
ATOM   522 C C5     . DT  B 2 5  ? -6.169  -3.597  2.847   1.00 0.00 ? 17 DT  B C5     1 
ATOM   523 C C7     . DT  B 2 5  ? -7.575  -3.153  2.477   1.00 0.00 ? 17 DT  B C7     1 
ATOM   524 C C6     . DT  B 2 5  ? -5.691  -3.320  4.089   1.00 0.00 ? 17 DT  B C6     1 
ATOM   525 H "H5'"  . DT  B 2 5  ? -6.420  -4.147  8.940   1.00 0.00 ? 17 DT  B "H5'"  1 
ATOM   526 H "H5''" . DT  B 2 5  ? -5.823  -2.694  9.744   1.00 0.00 ? 17 DT  B "H5''" 1 
ATOM   527 H "H4'"  . DT  B 2 5  ? -4.022  -3.908  8.612   1.00 0.00 ? 17 DT  B "H4'"  1 
ATOM   528 H "H3'"  . DT  B 2 5  ? -4.607  -1.128  7.989   1.00 0.00 ? 17 DT  B "H3'"  1 
ATOM   529 H "H2'"  . DT  B 2 5  ? -4.519  -1.411  5.715   1.00 0.00 ? 17 DT  B "H2'"  1 
ATOM   530 H "H2''" . DT  B 2 5  ? -2.766  -1.704  5.920   1.00 0.00 ? 17 DT  B "H2''" 1 
ATOM   531 H "H1'"  . DT  B 2 5  ? -3.000  -4.026  6.023   1.00 0.00 ? 17 DT  B "H1'"  1 
ATOM   532 H H3     . DT  B 2 5  ? -3.442  -5.063  1.657   1.00 0.00 ? 17 DT  B H3     1 
ATOM   533 H H71    . DT  B 2 5  ? -7.516  -2.474  1.626   1.00 0.00 ? 17 DT  B H71    1 
ATOM   534 H H72    . DT  B 2 5  ? -8.158  -4.024  2.178   1.00 0.00 ? 17 DT  B H72    1 
ATOM   535 H H73    . DT  B 2 5  ? -8.063  -2.652  3.314   1.00 0.00 ? 17 DT  B H73    1 
ATOM   536 H H6     . DT  B 2 5  ? -6.300  -2.805  4.820   1.00 0.00 ? 17 DT  B H6     1 
ATOM   537 P P      . DC  B 2 6  ? -1.869  -0.576  8.551   1.00 0.00 ? 18 DC  B P      1 
ATOM   538 O OP1    . DC  B 2 6  ? -1.068  -0.659  9.789   1.00 0.00 ? 18 DC  B OP1    1 
ATOM   539 O OP2    . DC  B 2 6  ? -2.773  0.578   8.354   1.00 0.00 ? 18 DC  B OP2    1 
ATOM   540 O "O5'"  . DC  B 2 6  ? -0.885  -0.654  7.271   1.00 0.00 ? 18 DC  B "O5'"  1 
ATOM   541 C "C5'"  . DC  B 2 6  ? 0.058   -1.717  7.105   1.00 0.00 ? 18 DC  B "C5'"  1 
ATOM   542 C "C4'"  . DC  B 2 6  ? 0.920   -1.562  5.838   1.00 0.00 ? 18 DC  B "C4'"  1 
ATOM   543 O "O4'"  . DC  B 2 6  ? 0.091   -1.650  4.677   1.00 0.00 ? 18 DC  B "O4'"  1 
ATOM   544 C "C3'"  . DC  B 2 6  ? 1.671   -0.221  5.791   1.00 0.00 ? 18 DC  B "C3'"  1 
ATOM   545 O "O3'"  . DC  B 2 6  ? 3.042   -0.346  5.427   1.00 0.00 ? 18 DC  B "O3'"  1 
ATOM   546 C "C2'"  . DC  B 2 6  ? 0.921   0.522   4.692   1.00 0.00 ? 18 DC  B "C2'"  1 
ATOM   547 C "C1'"  . DC  B 2 6  ? 0.428   -0.601  3.786   1.00 0.00 ? 18 DC  B "C1'"  1 
ATOM   548 N N1     . DC  B 2 6  ? -0.766  -0.199  2.989   1.00 0.00 ? 18 DC  B N1     1 
ATOM   549 C C2     . DC  B 2 6  ? -0.667  -0.083  1.597   1.00 0.00 ? 18 DC  B C2     1 
ATOM   550 O O2     . DC  B 2 6  ? 0.406   -0.188  1.016   1.00 0.00 ? 18 DC  B O2     1 
ATOM   551 N N3     . DC  B 2 6  ? -1.774  0.130   0.840   1.00 0.00 ? 18 DC  B N3     1 
ATOM   552 C C4     . DC  B 2 6  ? -2.926  0.277   1.449   1.00 0.00 ? 18 DC  B C4     1 
ATOM   553 N N4     . DC  B 2 6  ? -3.968  0.377   0.677   1.00 0.00 ? 18 DC  B N4     1 
ATOM   554 C C5     . DC  B 2 6  ? -3.090  0.246   2.862   1.00 0.00 ? 18 DC  B C5     1 
ATOM   555 C C6     . DC  B 2 6  ? -1.975  0.011   3.605   1.00 0.00 ? 18 DC  B C6     1 
ATOM   556 H "H5'"  . DC  B 2 6  ? -0.470  -2.669  7.045   1.00 0.00 ? 18 DC  B "H5'"  1 
ATOM   557 H "H5''" . DC  B 2 6  ? 0.728   -1.747  7.967   1.00 0.00 ? 18 DC  B "H5''" 1 
ATOM   558 H "H4'"  . DC  B 2 6  ? 1.656   -2.369  5.808   1.00 0.00 ? 18 DC  B "H4'"  1 
ATOM   559 H "H3'"  . DC  B 2 6  ? 1.579   0.316   6.736   1.00 0.00 ? 18 DC  B "H3'"  1 
ATOM   560 H "H2'"  . DC  B 2 6  ? 0.087   1.072   5.126   1.00 0.00 ? 18 DC  B "H2'"  1 
ATOM   561 H "H2''" . DC  B 2 6  ? 1.573   1.189   4.147   1.00 0.00 ? 18 DC  B "H2''" 1 
ATOM   562 H "H1'"  . DC  B 2 6  ? 1.252   -0.921  3.132   1.00 0.00 ? 18 DC  B "H1'"  1 
ATOM   563 H H41    . DC  B 2 6  ? -4.878  0.350   1.073   1.00 0.00 ? 18 DC  B H41    1 
ATOM   564 H H42    . DC  B 2 6  ? -3.803  0.222   -0.315  1.00 0.00 ? 18 DC  B H42    1 
ATOM   565 H H5     . DC  B 2 6  ? -4.043  0.369   3.345   1.00 0.00 ? 18 DC  B H5     1 
ATOM   566 H H6     . DC  B 2 6  ? -2.013  -0.046  4.689   1.00 0.00 ? 18 DC  B H6     1 
ATOM   567 P P      . DG  B 2 7  ? 4.167   -0.731  6.513   1.00 0.00 ? 19 DG  B P      1 
ATOM   568 O OP1    . DG  B 2 7  ? 3.903   -2.092  7.012   1.00 0.00 ? 19 DG  B OP1    1 
ATOM   569 O OP2    . DG  B 2 7  ? 4.244   0.391   7.475   1.00 0.00 ? 19 DG  B OP2    1 
ATOM   570 O "O5'"  . DG  B 2 7  ? 5.555   -0.740  5.690   1.00 0.00 ? 19 DG  B "O5'"  1 
ATOM   571 C "C5'"  . DG  B 2 7  ? 5.807   -1.639  4.612   1.00 0.00 ? 19 DG  B "C5'"  1 
ATOM   572 C "C4'"  . DG  B 2 7  ? 6.343   -0.916  3.358   1.00 0.00 ? 19 DG  B "C4'"  1 
ATOM   573 O "O4'"  . DG  B 2 7  ? 5.216   -0.329  2.716   1.00 0.00 ? 19 DG  B "O4'"  1 
ATOM   574 C "C3'"  . DG  B 2 7  ? 7.337   0.230   3.652   1.00 0.00 ? 19 DG  B "C3'"  1 
ATOM   575 O "O3'"  . DG  B 2 7  ? 8.234   0.530   2.590   1.00 0.00 ? 19 DG  B "O3'"  1 
ATOM   576 C "C2'"  . DG  B 2 7  ? 6.410   1.434   3.705   1.00 0.00 ? 19 DG  B "C2'"  1 
ATOM   577 C "C1'"  . DG  B 2 7  ? 5.456   1.055   2.572   1.00 0.00 ? 19 DG  B "C1'"  1 
ATOM   578 N N9     . DG  B 2 7  ? 4.205   1.845   2.521   1.00 0.00 ? 19 DG  B N9     1 
ATOM   579 C C8     . DG  B 2 7  ? 3.638   2.684   3.448   1.00 0.00 ? 19 DG  B C8     1 
ATOM   580 N N7     . DG  B 2 7  ? 2.561   3.302   3.035   1.00 0.00 ? 19 DG  B N7     1 
ATOM   581 C C5     . DG  B 2 7  ? 2.375   2.798   1.734   1.00 0.00 ? 19 DG  B C5     1 
ATOM   582 C C6     . DG  B 2 7  ? 1.340   2.987   0.747   1.00 0.00 ? 19 DG  B C6     1 
ATOM   583 O O6     . DG  B 2 7  ? 0.289   3.627   0.826   1.00 0.00 ? 19 DG  B O6     1 
ATOM   584 N N1     . DG  B 2 7  ? 1.578   2.316   -0.438  1.00 0.00 ? 19 DG  B N1     1 
ATOM   585 C C2     . DG  B 2 7  ? 2.640   1.494   -0.655  1.00 0.00 ? 19 DG  B C2     1 
ATOM   586 N N2     . DG  B 2 7  ? 2.708   0.925   -1.837  1.00 0.00 ? 19 DG  B N2     1 
ATOM   587 N N3     . DG  B 2 7  ? 3.607   1.293   0.237   1.00 0.00 ? 19 DG  B N3     1 
ATOM   588 C C4     . DG  B 2 7  ? 3.405   1.944   1.412   1.00 0.00 ? 19 DG  B C4     1 
ATOM   589 H "H5'"  . DG  B 2 7  ? 4.892   -2.172  4.334   1.00 0.00 ? 19 DG  B "H5'"  1 
ATOM   590 H "H5''" . DG  B 2 7  ? 6.541   -2.373  4.937   1.00 0.00 ? 19 DG  B "H5''" 1 
ATOM   591 H "H4'"  . DG  B 2 7  ? 6.813   -1.640  2.690   1.00 0.00 ? 19 DG  B "H4'"  1 
ATOM   592 H "H3'"  . DG  B 2 7  ? 7.866   0.077   4.593   1.00 0.00 ? 19 DG  B "H3'"  1 
ATOM   593 H "H2'"  . DG  B 2 7  ? 5.893   1.481   4.661   1.00 0.00 ? 19 DG  B "H2'"  1 
ATOM   594 H "H2''" . DG  B 2 7  ? 6.941   2.363   3.495   1.00 0.00 ? 19 DG  B "H2''" 1 
ATOM   595 H "H1'"  . DG  B 2 7  ? 5.972   1.172   1.620   1.00 0.00 ? 19 DG  B "H1'"  1 
ATOM   596 H H8     . DG  B 2 7  ? 4.039   2.797   4.445   1.00 0.00 ? 19 DG  B H8     1 
ATOM   597 H H1     . DG  B 2 7  ? 0.851   2.352   -1.136  1.00 0.00 ? 19 DG  B H1     1 
ATOM   598 H H22    . DG  B 2 7  ? 1.951   1.078   -2.486  1.00 0.00 ? 19 DG  B H22    1 
ATOM   599 P P      . DC  B 2 8  ? 9.639   -0.209  2.392   1.00 0.00 ? 20 DC  B P      1 
ATOM   600 O OP1    . DC  B 2 8  ? 9.516   -1.611  2.836   1.00 0.00 ? 20 DC  B OP1    1 
ATOM   601 O OP2    . DC  B 2 8  ? 10.682  0.666   2.972   1.00 0.00 ? 20 DC  B OP2    1 
ATOM   602 O "O5'"  . DC  B 2 8  ? 9.756   -0.166  0.788   1.00 0.00 ? 20 DC  B "O5'"  1 
ATOM   603 C "C5'"  . DC  B 2 8  ? 9.004   -1.055  -0.034  1.00 0.00 ? 20 DC  B "C5'"  1 
ATOM   604 C "C4'"  . DC  B 2 8  ? 8.377   -0.361  -1.256  1.00 0.00 ? 20 DC  B "C4'"  1 
ATOM   605 O "O4'"  . DC  B 2 8  ? 7.295   0.448   -0.819  1.00 0.00 ? 20 DC  B "O4'"  1 
ATOM   606 C "C3'"  . DC  B 2 8  ? 9.328   0.524   -2.090  1.00 0.00 ? 20 DC  B "C3'"  1 
ATOM   607 O "O3'"  . DC  B 2 8  ? 9.531   -0.030  -3.389  1.00 0.00 ? 20 DC  B "O3'"  1 
ATOM   608 C "C2'"  . DC  B 2 8  ? 8.577   1.859   -2.133  1.00 0.00 ? 20 DC  B "C2'"  1 
ATOM   609 C "C1'"  . DC  B 2 8  ? 7.144   1.514   -1.730  1.00 0.00 ? 20 DC  B "C1'"  1 
ATOM   610 N N1     . DC  B 2 8  ? 6.434   2.651   -1.073  1.00 0.00 ? 20 DC  B N1     1 
ATOM   611 C C2     . DC  B 2 8  ? 5.368   3.277   -1.730  1.00 0.00 ? 20 DC  B C2     1 
ATOM   612 O O2     . DC  B 2 8  ? 5.008   2.934   -2.852  1.00 0.00 ? 20 DC  B O2     1 
ATOM   613 N N3     . DC  B 2 8  ? 4.692   4.295   -1.149  1.00 0.00 ? 20 DC  B N3     1 
ATOM   614 C C4     . DC  B 2 8  ? 5.045   4.674   0.057   1.00 0.00 ? 20 DC  B C4     1 
ATOM   615 N N4     . DC  B 2 8  ? 4.294   5.594   0.589   1.00 0.00 ? 20 DC  B N4     1 
ATOM   616 C C5     . DC  B 2 8  ? 6.128   4.094   0.780   1.00 0.00 ? 20 DC  B C5     1 
ATOM   617 C C6     . DC  B 2 8  ? 6.806   3.080   0.178   1.00 0.00 ? 20 DC  B C6     1 
ATOM   618 H "H5'"  . DC  B 2 8  ? 8.194   -1.516  0.537   1.00 0.00 ? 20 DC  B "H5'"  1 
ATOM   619 H "H5''" . DC  B 2 8  ? 9.668   -1.850  -0.371  1.00 0.00 ? 20 DC  B "H5''" 1 
ATOM   620 H "H4'"  . DC  B 2 8  ? 7.974   -1.127  -1.919  1.00 0.00 ? 20 DC  B "H4'"  1 
ATOM   621 H "H3'"  . DC  B 2 8  ? 10.285  0.647   -1.583  1.00 0.00 ? 20 DC  B "H3'"  1 
ATOM   622 H "H2'"  . DC  B 2 8  ? 9.028   2.539   -1.411  1.00 0.00 ? 20 DC  B "H2'"  1 
ATOM   623 H "H2''" . DC  B 2 8  ? 8.589   2.294   -3.127  1.00 0.00 ? 20 DC  B "H2''" 1 
ATOM   624 H "H1'"  . DC  B 2 8  ? 6.598   1.162   -2.613  1.00 0.00 ? 20 DC  B "H1'"  1 
ATOM   625 H H41    . DC  B 2 8  ? 4.379   5.824   1.552   1.00 0.00 ? 20 DC  B H41    1 
ATOM   626 H H42    . DC  B 2 8  ? 3.482   5.889   0.045   1.00 0.00 ? 20 DC  B H42    1 
ATOM   627 H H5     . DC  B 2 8  ? 6.396   4.407   1.774   1.00 0.00 ? 20 DC  B H5     1 
ATOM   628 H H6     . DC  B 2 8  ? 7.618   2.558   0.680   1.00 0.00 ? 20 DC  B H6     1 
ATOM   629 P P      . DT  B 2 9  ? 10.560  0.601   -4.475  1.00 0.00 ? 21 DT  B P      1 
ATOM   630 O OP1    . DT  B 2 9  ? 11.017  -0.488  -5.367  1.00 0.00 ? 21 DT  B OP1    1 
ATOM   631 O OP2    . DT  B 2 9  ? 11.561  1.427   -3.761  1.00 0.00 ? 21 DT  B OP2    1 
ATOM   632 O "O5'"  . DT  B 2 9  ? 9.613   1.601   -5.322  1.00 0.00 ? 21 DT  B "O5'"  1 
ATOM   633 C "C5'"  . DT  B 2 9  ? 8.531   1.108   -6.107  1.00 0.00 ? 21 DT  B "C5'"  1 
ATOM   634 C "C4'"  . DT  B 2 9  ? 7.645   2.217   -6.707  1.00 0.00 ? 21 DT  B "C4'"  1 
ATOM   635 O "O4'"  . DT  B 2 9  ? 6.980   2.910   -5.659  1.00 0.00 ? 21 DT  B "O4'"  1 
ATOM   636 C "C3'"  . DT  B 2 9  ? 8.384   3.254   -7.576  1.00 0.00 ? 21 DT  B "C3'"  1 
ATOM   637 O "O3'"  . DT  B 2 9  ? 7.793   3.346   -8.870  1.00 0.00 ? 21 DT  B "O3'"  1 
ATOM   638 C "C2'"  . DT  B 2 9  ? 8.197   4.544   -6.780  1.00 0.00 ? 21 DT  B "C2'"  1 
ATOM   639 C "C1'"  . DT  B 2 9  ? 6.908   4.279   -6.002  1.00 0.00 ? 21 DT  B "C1'"  1 
ATOM   640 N N1     . DT  B 2 9  ? 6.794   5.102   -4.766  1.00 0.00 ? 21 DT  B N1     1 
ATOM   641 C C2     . DT  B 2 9  ? 5.706   5.974   -4.638  1.00 0.00 ? 21 DT  B C2     1 
ATOM   642 O O2     . DT  B 2 9  ? 4.834   6.108   -5.487  1.00 0.00 ? 21 DT  B O2     1 
ATOM   643 N N3     . DT  B 2 9  ? 5.660   6.738   -3.497  1.00 0.00 ? 21 DT  B N3     1 
ATOM   644 C C4     . DT  B 2 9  ? 6.621   6.784   -2.515  1.00 0.00 ? 21 DT  B C4     1 
ATOM   645 O O4     . DT  B 2 9  ? 6.509   7.604   -1.602  1.00 0.00 ? 21 DT  B O4     1 
ATOM   646 C C5     . DT  B 2 9  ? 7.714   5.824   -2.689  1.00 0.00 ? 21 DT  B C5     1 
ATOM   647 C C7     . DT  B 2 9  ? 8.813   5.715   -1.647  1.00 0.00 ? 21 DT  B C7     1 
ATOM   648 C C6     . DT  B 2 9  ? 7.761   5.023   -3.788  1.00 0.00 ? 21 DT  B C6     1 
ATOM   649 H "H5'"  . DT  B 2 9  ? 7.900   0.472   -5.482  1.00 0.00 ? 21 DT  B "H5'"  1 
ATOM   650 H "H5''" . DT  B 2 9  ? 8.928   0.496   -6.917  1.00 0.00 ? 21 DT  B "H5''" 1 
ATOM   651 H "H4'"  . DT  B 2 9  ? 6.886   1.743   -7.332  1.00 0.00 ? 21 DT  B "H4'"  1 
ATOM   652 H "H3'"  . DT  B 2 9  ? 9.442   2.999   -7.660  1.00 0.00 ? 21 DT  B "H3'"  1 
ATOM   653 H "H2'"  . DT  B 2 9  ? 9.048   4.669   -6.114  1.00 0.00 ? 21 DT  B "H2'"  1 
ATOM   654 H "H2''" . DT  B 2 9  ? 8.092   5.418   -7.419  1.00 0.00 ? 21 DT  B "H2''" 1 
ATOM   655 H "H1'"  . DT  B 2 9  ? 6.051   4.447   -6.664  1.00 0.00 ? 21 DT  B "H1'"  1 
ATOM   656 H H3     . DT  B 2 9  ? 4.863   7.352   -3.412  1.00 0.00 ? 21 DT  B H3     1 
ATOM   657 H H71    . DT  B 2 9  ? 8.364   5.464   -0.686  1.00 0.00 ? 21 DT  B H71    1 
ATOM   658 H H72    . DT  B 2 9  ? 9.540   4.948   -1.920  1.00 0.00 ? 21 DT  B H72    1 
ATOM   659 H H73    . DT  B 2 9  ? 9.313   6.679   -1.552  1.00 0.00 ? 21 DT  B H73    1 
ATOM   660 H H6     . DT  B 2 9  ? 8.559   4.305   -3.918  1.00 0.00 ? 21 DT  B H6     1 
ATOM   661 P P      . DA  B 2 10 ? 8.432   4.243   -10.060 1.00 0.00 ? 22 DA  B P      1 
ATOM   662 O OP1    . DA  B 2 10 ? 8.046   3.637   -11.353 1.00 0.00 ? 22 DA  B OP1    1 
ATOM   663 O OP2    . DA  B 2 10 ? 9.864   4.464   -9.759  1.00 0.00 ? 22 DA  B OP2    1 
ATOM   664 O "O5'"  . DA  B 2 10 ? 7.660   5.649   -9.907  1.00 0.00 ? 22 DA  B "O5'"  1 
ATOM   665 C "C5'"  . DA  B 2 10 ? 6.275   5.749   -10.215 1.00 0.00 ? 22 DA  B "C5'"  1 
ATOM   666 C "C4'"  . DA  B 2 10 ? 5.673   7.134   -9.932  1.00 0.00 ? 22 DA  B "C4'"  1 
ATOM   667 O "O4'"  . DA  B 2 10 ? 5.648   7.389   -8.535  1.00 0.00 ? 22 DA  B "O4'"  1 
ATOM   668 C "C3'"  . DA  B 2 10 ? 6.369   8.325   -10.614 1.00 0.00 ? 22 DA  B "C3'"  1 
ATOM   669 O "O3'"  . DA  B 2 10 ? 5.495   8.917   -11.572 1.00 0.00 ? 22 DA  B "O3'"  1 
ATOM   670 C "C2'"  . DA  B 2 10 ? 6.645   9.268   -9.440  1.00 0.00 ? 22 DA  B "C2'"  1 
ATOM   671 C "C1'"  . DA  B 2 10 ? 5.689   8.790   -8.349  1.00 0.00 ? 22 DA  B "C1'"  1 
ATOM   672 N N9     . DA  B 2 10 ? 6.167   9.095   -6.981  1.00 0.00 ? 22 DA  B N9     1 
ATOM   673 C C8     . DA  B 2 10 ? 7.221   8.522   -6.315  1.00 0.00 ? 22 DA  B C8     1 
ATOM   674 N N7     . DA  B 2 10 ? 7.384   8.936   -5.084  1.00 0.00 ? 22 DA  B N7     1 
ATOM   675 C C5     . DA  B 2 10 ? 6.329   9.855   -4.931  1.00 0.00 ? 22 DA  B C5     1 
ATOM   676 C C6     . DA  B 2 10 ? 5.841   10.650  -3.864  1.00 0.00 ? 22 DA  B C6     1 
ATOM   677 N N6     . DA  B 2 10 ? 6.293   10.601  -2.624  1.00 0.00 ? 22 DA  B N6     1 
ATOM   678 N N1     . DA  B 2 10 ? 4.810   11.482  -4.026  1.00 0.00 ? 22 DA  B N1     1 
ATOM   679 C C2     . DA  B 2 10 ? 4.221   11.500  -5.214  1.00 0.00 ? 22 DA  B C2     1 
ATOM   680 N N3     . DA  B 2 10 ? 4.537   10.799  -6.296  1.00 0.00 ? 22 DA  B N3     1 
ATOM   681 C C4     . DA  B 2 10 ? 5.607   9.982   -6.087  1.00 0.00 ? 22 DA  B C4     1 
ATOM   682 H "H5'"  . DA  B 2 10 ? 5.730   5.011   -9.623  1.00 0.00 ? 22 DA  B "H5'"  1 
ATOM   683 H "H5''" . DA  B 2 10 ? 6.133   5.511   -11.270 1.00 0.00 ? 22 DA  B "H5''" 1 
ATOM   684 H "H4'"  . DA  B 2 10 ? 4.641   7.117   -10.284 1.00 0.00 ? 22 DA  B "H4'"  1 
ATOM   685 H "H3'"  . DA  B 2 10 ? 7.302   8.009   -11.086 1.00 0.00 ? 22 DA  B "H3'"  1 
ATOM   686 H "H2'"  . DA  B 2 10 ? 7.680   9.150   -9.123  1.00 0.00 ? 22 DA  B "H2'"  1 
ATOM   687 H "H2''" . DA  B 2 10 ? 6.441   10.303  -9.699  1.00 0.00 ? 22 DA  B "H2''" 1 
ATOM   688 H "H1'"  . DA  B 2 10 ? 4.696   9.221   -8.506  1.00 0.00 ? 22 DA  B "H1'"  1 
ATOM   689 H H8     . DA  B 2 10 ? 7.843   7.769   -6.780  1.00 0.00 ? 22 DA  B H8     1 
ATOM   690 H H61    . DA  B 2 10 ? 6.881   9.820   -2.386  1.00 0.00 ? 22 DA  B H61    1 
ATOM   691 H H62    . DA  B 2 10 ? 5.762   11.094  -1.917  1.00 0.00 ? 22 DA  B H62    1 
ATOM   692 H H2     . DA  B 2 10 ? 3.378   12.171  -5.312  1.00 0.00 ? 22 DA  B H2     1 
ATOM   693 P P      . DG  B 2 11 ? 5.958   10.095  -12.575 1.00 0.00 ? 23 DG  B P      1 
ATOM   694 O OP1    . DG  B 2 11 ? 5.243   9.919   -13.858 1.00 0.00 ? 23 DG  B OP1    1 
ATOM   695 O OP2    . DG  B 2 11 ? 7.434   10.193  -12.566 1.00 0.00 ? 23 DG  B OP2    1 
ATOM   696 O "O5'"  . DG  B 2 11 ? 5.384   11.429  -11.875 1.00 0.00 ? 23 DG  B "O5'"  1 
ATOM   697 C "C5'"  . DG  B 2 11 ? 3.986   11.678  -11.823 1.00 0.00 ? 23 DG  B "C5'"  1 
ATOM   698 C "C4'"  . DG  B 2 11 ? 3.630   13.057  -11.240 1.00 0.00 ? 23 DG  B "C4'"  1 
ATOM   699 O "O4'"  . DG  B 2 11 ? 3.871   13.060  -9.837  1.00 0.00 ? 23 DG  B "O4'"  1 
ATOM   700 C "C3'"  . DG  B 2 11 ? 4.401   14.221  -11.883 1.00 0.00 ? 23 DG  B "C3'"  1 
ATOM   701 O "O3'"  . DG  B 2 11 ? 3.520   15.310  -12.165 1.00 0.00 ? 23 DG  B "O3'"  1 
ATOM   702 C "C2'"  . DG  B 2 11 ? 5.424   14.523  -10.794 1.00 0.00 ? 23 DG  B "C2'"  1 
ATOM   703 C "C1'"  . DG  B 2 11 ? 4.708   14.147  -9.493  1.00 0.00 ? 23 DG  B "C1'"  1 
ATOM   704 N N9     . DG  B 2 11 ? 5.637   13.761  -8.399  1.00 0.00 ? 23 DG  B N9     1 
ATOM   705 C C8     . DG  B 2 11 ? 6.734   12.936  -8.468  1.00 0.00 ? 23 DG  B C8     1 
ATOM   706 N N7     . DG  B 2 11 ? 7.434   12.862  -7.367  1.00 0.00 ? 23 DG  B N7     1 
ATOM   707 C C5     . DG  B 2 11 ? 6.700   13.648  -6.465  1.00 0.00 ? 23 DG  B C5     1 
ATOM   708 C C6     . DG  B 2 11 ? 6.928   13.979  -5.080  1.00 0.00 ? 23 DG  B C6     1 
ATOM   709 O O6     . DG  B 2 11 ? 7.847   13.651  -4.331  1.00 0.00 ? 23 DG  B O6     1 
ATOM   710 N N1     . DG  B 2 11 ? 5.987   14.835  -4.552  1.00 0.00 ? 23 DG  B N1     1 
ATOM   711 C C2     . DG  B 2 11 ? 4.939   15.319  -5.250  1.00 0.00 ? 23 DG  B C2     1 
ATOM   712 N N2     . DG  B 2 11 ? 4.128   16.111  -4.606  1.00 0.00 ? 23 DG  B N2     1 
ATOM   713 N N3     . DG  B 2 11 ? 4.710   15.092  -6.541  1.00 0.00 ? 23 DG  B N3     1 
ATOM   714 C C4     . DG  B 2 11 ? 5.611   14.221  -7.095  1.00 0.00 ? 23 DG  B C4     1 
ATOM   715 H "H5'"  . DG  B 2 11 ? 3.506   10.905  -11.222 1.00 0.00 ? 23 DG  B "H5'"  1 
ATOM   716 H "H5''" . DG  B 2 11 ? 3.584   11.621  -12.836 1.00 0.00 ? 23 DG  B "H5''" 1 
ATOM   717 H "H4'"  . DG  B 2 11 ? 2.565   13.222  -11.405 1.00 0.00 ? 23 DG  B "H4'"  1 
ATOM   718 H "H3'"  . DG  B 2 11 ? 4.902   13.900  -12.800 1.00 0.00 ? 23 DG  B "H3'"  1 
ATOM   719 H "H2'"  . DG  B 2 11 ? 6.295   13.891  -10.958 1.00 0.00 ? 23 DG  B "H2'"  1 
ATOM   720 H "H2''" . DG  B 2 11 ? 5.714   15.566  -10.809 1.00 0.00 ? 23 DG  B "H2''" 1 
ATOM   721 H "H1'"  . DG  B 2 11 ? 4.085   14.983  -9.164  1.00 0.00 ? 23 DG  B "H1'"  1 
ATOM   722 H H8     . DG  B 2 11 ? 6.993   12.402  -9.374  1.00 0.00 ? 23 DG  B H8     1 
ATOM   723 H H1     . DG  B 2 11 ? 6.055   15.050  -3.571  1.00 0.00 ? 23 DG  B H1     1 
ATOM   724 H H21    . DG  B 2 11 ? 3.262   16.310  -5.064  1.00 0.00 ? 23 DG  B H21    1 
ATOM   725 H H22    . DG  B 2 11 ? 4.246   16.271  -3.608  1.00 0.00 ? 23 DG  B H22    1 
ATOM   726 P P      . DC  B 2 12 ? 4.011   16.701  -12.825 1.00 0.00 ? 24 DC  B P      1 
ATOM   727 O OP1    . DC  B 2 12 ? 2.870   17.352  -13.502 1.00 0.00 ? 24 DC  B OP1    1 
ATOM   728 O OP2    . DC  B 2 12 ? 5.280   16.500  -13.552 1.00 0.00 ? 24 DC  B OP2    1 
ATOM   729 O "O5'"  . DC  B 2 12 ? 4.344   17.569  -11.522 1.00 0.00 ? 24 DC  B "O5'"  1 
ATOM   730 C "C5'"  . DC  B 2 12 ? 3.319   17.898  -10.600 1.00 0.00 ? 24 DC  B "C5'"  1 
ATOM   731 C "C4'"  . DC  B 2 12 ? 3.859   18.763  -9.459  1.00 0.00 ? 24 DC  B "C4'"  1 
ATOM   732 O "O4'"  . DC  B 2 12 ? 4.667   17.976  -8.600  1.00 0.00 ? 24 DC  B "O4'"  1 
ATOM   733 C "C3'"  . DC  B 2 12 ? 4.724   19.932  -9.963  1.00 0.00 ? 24 DC  B "C3'"  1 
ATOM   734 O "O3'"  . DC  B 2 12 ? 4.366   21.160  -9.344  1.00 0.00 ? 24 DC  B "O3'"  1 
ATOM   735 C "C2'"  . DC  B 2 12 ? 6.123   19.533  -9.509  1.00 0.00 ? 24 DC  B "C2'"  1 
ATOM   736 C "C1'"  . DC  B 2 12 ? 5.801   18.740  -8.244  1.00 0.00 ? 24 DC  B "C1'"  1 
ATOM   737 N N1     . DC  B 2 12 ? 6.910   17.864  -7.791  1.00 0.00 ? 24 DC  B N1     1 
ATOM   738 C C2     . DC  B 2 12 ? 7.488   18.081  -6.537  1.00 0.00 ? 24 DC  B C2     1 
ATOM   739 O O2     . DC  B 2 12 ? 7.152   19.029  -5.829  1.00 0.00 ? 24 DC  B O2     1 
ATOM   740 N N3     . DC  B 2 12 ? 8.466   17.270  -6.074  1.00 0.00 ? 24 DC  B N3     1 
ATOM   741 C C4     . DC  B 2 12 ? 8.843   16.249  -6.818  1.00 0.00 ? 24 DC  B C4     1 
ATOM   742 N N4     . DC  B 2 12 ? 9.667   15.415  -6.266  1.00 0.00 ? 24 DC  B N4     1 
ATOM   743 C C5     . DC  B 2 12 ? 8.335   16.013  -8.122  1.00 0.00 ? 24 DC  B C5     1 
ATOM   744 C C6     . DC  B 2 12 ? 7.369   16.842  -8.582  1.00 0.00 ? 24 DC  B C6     1 
ATOM   745 H "H5'"  . DC  B 2 12 ? 2.891   16.982  -10.183 1.00 0.00 ? 24 DC  B "H5'"  1 
ATOM   746 H "H5''" . DC  B 2 12 ? 2.531   18.444  -11.120 1.00 0.00 ? 24 DC  B "H5''" 1 
ATOM   747 H "H4'"  . DC  B 2 12 ? 3.017   19.158  -8.891  1.00 0.00 ? 24 DC  B "H4'"  1 
ATOM   748 H "H3'"  . DC  B 2 12 ? 4.671   20.013  -11.050 1.00 0.00 ? 24 DC  B "H3'"  1 
ATOM   749 H "HO3'" . DC  B 2 12 ? 4.933   21.852  -9.686  1.00 0.00 ? 24 DC  B "HO3'" 1 
ATOM   750 H "H2'"  . DC  B 2 12 ? 6.576   18.891  -10.264 1.00 0.00 ? 24 DC  B "H2'"  1 
ATOM   751 H "H2''" . DC  B 2 12 ? 6.757   20.388  -9.295  1.00 0.00 ? 24 DC  B "H2''" 1 
ATOM   752 H "H1'"  . DC  B 2 12 ? 5.508   19.432  -7.447  1.00 0.00 ? 24 DC  B "H1'"  1 
ATOM   753 H H41    . DC  B 2 12 ? 9.704   14.488  -6.643  1.00 0.00 ? 24 DC  B H41    1 
ATOM   754 H H42    . DC  B 2 12 ? 9.890   15.565  -5.287  1.00 0.00 ? 24 DC  B H42    1 
ATOM   755 H H5     . DC  B 2 12 ? 8.658   15.173  -8.719  1.00 0.00 ? 24 DC  B H5     1 
ATOM   756 H H6     . DC  B 2 12 ? 6.906   16.686  -9.546  1.00 0.00 ? 24 DC  B H6     1 
HETATM 757 C C1     . HND C 3 .  ? 3.586   -0.134  -2.213  1.00 0.00 ? 25 HND B C1     1 
HETATM 758 C C2     . HND C 3 .  ? 2.806   -1.349  -2.655  1.00 0.00 ? 25 HND B C2     1 
HETATM 759 C C3     . HND C 3 .  ? 1.958   -2.084  -1.604  1.00 0.00 ? 25 HND B C3     1 
HETATM 760 C C4     . HND C 3 .  ? 2.583   -2.303  -0.192  1.00 0.00 ? 25 HND B C4     1 
HETATM 761 C C5     . HND C 3 .  ? 3.973   -2.972  -0.107  1.00 0.00 ? 25 HND B C5     1 
HETATM 762 C C6     . HND C 3 .  ? 4.214   -4.219  -0.987  1.00 0.00 ? 25 HND B C6     1 
HETATM 763 C C7     . HND C 3 .  ? 5.437   -4.013  -1.896  1.00 0.00 ? 25 HND B C7     1 
HETATM 764 C C8     . HND C 3 .  ? 5.541   -5.113  -2.958  1.00 0.00 ? 25 HND B C8     1 
HETATM 765 C C9     . HND C 3 .  ? 6.707   -4.848  -3.912  1.00 0.00 ? 25 HND B C9     1 
HETATM 766 O O10    . HND C 3 .  ? 1.672   -3.046  0.598   1.00 0.00 ? 25 HND B O10    1 
HETATM 767 O O11    . HND C 3 .  ? 4.190   0.364   -3.350  1.00 0.00 ? 25 HND B O11    1 
HETATM 768 H H2     . HND C 3 .  ? 3.513   -2.055  -3.076  1.00 0.00 ? 25 HND B H2     1 
HETATM 769 H H3     . HND C 3 .  ? 1.777   -3.079  -2.011  1.00 0.00 ? 25 HND B H3     1 
HETATM 770 H H4     . HND C 3 .  ? 2.680   -1.329  0.285   1.00 0.00 ? 25 HND B H4     1 
HETATM 771 H H5     . HND C 3 .  ? 4.154   -3.254  0.932   1.00 0.00 ? 25 HND B H5     1 
HETATM 772 H H5A    . HND C 3 .  ? 4.725   -2.218  -0.332  1.00 0.00 ? 25 HND B H5A    1 
HETATM 773 H HO10   . HND C 3 .  ? 0.847   -2.553  0.587   1.00 0.00 ? 25 HND B HO10   1 
HETATM 774 H H6     . HND C 3 .  ? 3.339   -4.448  -1.591  1.00 0.00 ? 25 HND B H6     1 
HETATM 775 H H6A    . HND C 3 .  ? 4.393   -5.080  -0.343  1.00 0.00 ? 25 HND B H6A    1 
HETATM 776 H H7     . HND C 3 .  ? 5.361   -3.051  -2.401  1.00 0.00 ? 25 HND B H7     1 
HETATM 777 H H7A    . HND C 3 .  ? 6.339   -4.008  -1.284  1.00 0.00 ? 25 HND B H7A    1 
HETATM 778 H H8     . HND C 3 .  ? 4.618   -5.142  -3.537  1.00 0.00 ? 25 HND B H8     1 
HETATM 779 H H8A    . HND C 3 .  ? 5.691   -6.074  -2.467  1.00 0.00 ? 25 HND B H8A    1 
HETATM 780 H H9     . HND C 3 .  ? 6.557   -3.895  -4.421  1.00 0.00 ? 25 HND B H9     1 
HETATM 781 H H9A    . HND C 3 .  ? 7.641   -4.816  -3.354  1.00 0.00 ? 25 HND B H9A    1 
HETATM 782 H H9B    . HND C 3 .  ? 6.751   -5.645  -4.654  1.00 0.00 ? 25 HND B H9B    1 
HETATM 783 H H1     . HND C 3 .  ? 4.336   -0.379  -1.463  1.00 0.00 ? 25 HND B H1     1 
HETATM 784 H HO11   . HND C 3 .  ? 4.320   1.306   -3.174  1.00 0.00 ? 25 HND B HO11   1 
HETATM 785 H H2A    . HND C 3 .  ? 2.155   -1.057  -3.477  1.00 0.00 ? 25 HND B H2A    1 
# 
